data_1L6T
#
_entry.id   1L6T
#
_entity_poly.entity_id   1
_entity_poly.type   'polypeptide(L)'
_entity_poly.pdbx_seq_one_letter_code
;MENLNMDLLYMAAAVMMGLAAIGDAIGIGILGGKFLEGAARQPDLIPLLRTQFFIVMGLVNAIPMIAVGLGLYVMFAVA
;
_entity_poly.pdbx_strand_id   A
#
# COMPACT_ATOMS: atom_id res chain seq x y z
N MET A 1 -21.66 24.10 -7.22
CA MET A 1 -21.06 22.78 -7.17
C MET A 1 -20.12 22.64 -5.97
N GLU A 2 -20.70 22.25 -4.84
CA GLU A 2 -19.94 22.07 -3.62
C GLU A 2 -19.55 20.61 -3.43
N ASN A 3 -20.21 19.76 -4.22
CA ASN A 3 -19.93 18.34 -4.15
C ASN A 3 -19.85 17.76 -5.57
N LEU A 4 -19.53 18.64 -6.50
CA LEU A 4 -19.41 18.25 -7.90
C LEU A 4 -17.99 18.52 -8.39
N ASN A 5 -17.48 19.68 -8.01
CA ASN A 5 -16.13 20.07 -8.41
C ASN A 5 -15.13 19.48 -7.41
N MET A 6 -15.42 19.69 -6.13
CA MET A 6 -14.55 19.18 -5.09
C MET A 6 -14.09 17.75 -5.40
N ASP A 7 -15.04 16.94 -5.85
CA ASP A 7 -14.74 15.57 -6.18
C ASP A 7 -13.56 15.52 -7.15
N LEU A 8 -13.68 16.31 -8.21
CA LEU A 8 -12.63 16.36 -9.22
C LEU A 8 -11.29 16.62 -8.54
N LEU A 9 -11.16 17.83 -8.00
CA LEU A 9 -9.94 18.22 -7.32
C LEU A 9 -9.43 17.05 -6.48
N TYR A 10 -10.28 16.61 -5.56
CA TYR A 10 -9.92 15.49 -4.69
C TYR A 10 -9.28 14.36 -5.49
N MET A 11 -9.96 13.96 -6.55
CA MET A 11 -9.47 12.89 -7.40
C MET A 11 -7.98 13.06 -7.70
N ALA A 12 -7.63 14.28 -8.10
CA ALA A 12 -6.25 14.59 -8.42
C ALA A 12 -5.37 14.28 -7.21
N ALA A 13 -5.89 14.60 -6.04
CA ALA A 13 -5.17 14.36 -4.80
C ALA A 13 -5.10 12.85 -4.54
N ALA A 14 -6.24 12.29 -4.18
CA ALA A 14 -6.31 10.86 -3.91
C ALA A 14 -5.46 10.10 -4.93
N VAL A 15 -5.86 10.22 -6.19
CA VAL A 15 -5.14 9.56 -7.27
C VAL A 15 -3.64 9.69 -7.04
N MET A 16 -3.21 10.93 -6.86
CA MET A 16 -1.79 11.20 -6.62
C MET A 16 -1.26 10.38 -5.45
N MET A 17 -2.01 10.41 -4.35
CA MET A 17 -1.62 9.68 -3.17
C MET A 17 -1.42 8.19 -3.48
N GLY A 18 -2.44 7.61 -4.11
CA GLY A 18 -2.38 6.20 -4.47
C GLY A 18 -1.06 5.86 -5.14
N LEU A 19 -0.60 6.77 -5.99
CA LEU A 19 0.65 6.57 -6.70
C LEU A 19 1.79 6.44 -5.69
N ALA A 20 2.10 7.56 -5.05
CA ALA A 20 3.17 7.58 -4.05
C ALA A 20 3.02 6.36 -3.14
N ALA A 21 1.89 6.32 -2.45
CA ALA A 21 1.63 5.22 -1.53
C ALA A 21 2.05 3.90 -2.18
N ILE A 22 1.50 3.65 -3.36
CA ILE A 22 1.81 2.44 -4.09
C ILE A 22 3.34 2.25 -4.11
N GLY A 23 4.03 3.32 -4.46
CA GLY A 23 5.48 3.29 -4.53
C GLY A 23 6.08 2.66 -3.26
N ASP A 24 5.86 3.33 -2.15
CA ASP A 24 6.37 2.85 -0.88
C ASP A 24 5.85 1.44 -0.63
N ALA A 25 4.54 1.32 -0.52
CA ALA A 25 3.91 0.03 -0.29
C ALA A 25 4.62 -1.04 -1.13
N ILE A 26 5.14 -0.59 -2.27
CA ILE A 26 5.85 -1.49 -3.16
C ILE A 26 7.26 -1.74 -2.64
N GLY A 27 7.95 -0.65 -2.35
CA GLY A 27 9.31 -0.72 -1.83
C GLY A 27 9.48 -1.95 -0.94
N ILE A 28 8.51 -2.13 -0.05
CA ILE A 28 8.54 -3.26 0.87
C ILE A 28 8.17 -4.54 0.12
N GLY A 29 7.05 -4.47 -0.59
CA GLY A 29 6.58 -5.61 -1.36
C GLY A 29 7.74 -6.27 -2.12
N ILE A 30 8.47 -5.45 -2.86
CA ILE A 30 9.59 -5.94 -3.63
C ILE A 30 10.71 -6.40 -2.69
N LEU A 31 10.77 -5.74 -1.54
CA LEU A 31 11.77 -6.06 -0.54
C LEU A 31 11.62 -7.54 -0.14
N GLY A 32 10.37 -7.93 0.10
CA GLY A 32 10.08 -9.30 0.49
C GLY A 32 10.74 -10.29 -0.46
N GLY A 33 10.78 -9.92 -1.73
CA GLY A 33 11.38 -10.76 -2.75
C GLY A 33 12.90 -10.61 -2.77
N LYS A 34 13.34 -9.37 -2.55
CA LYS A 34 14.76 -9.08 -2.53
C LYS A 34 15.37 -9.58 -1.22
N PHE A 35 14.51 -10.12 -0.37
CA PHE A 35 14.94 -10.64 0.91
C PHE A 35 15.23 -12.14 0.83
N LEU A 36 14.44 -12.82 0.01
CA LEU A 36 14.59 -14.25 -0.18
C LEU A 36 16.08 -14.58 -0.36
N GLU A 37 16.65 -14.02 -1.40
CA GLU A 37 18.06 -14.24 -1.70
C GLU A 37 18.93 -13.79 -0.53
N GLY A 38 18.54 -12.66 0.05
CA GLY A 38 19.27 -12.10 1.18
C GLY A 38 19.29 -13.08 2.35
N ALA A 39 18.09 -13.44 2.80
CA ALA A 39 17.96 -14.36 3.92
C ALA A 39 18.58 -15.70 3.54
N ALA A 40 18.66 -15.93 2.23
CA ALA A 40 19.22 -17.18 1.72
C ALA A 40 20.56 -17.45 2.42
N ARG A 41 21.16 -16.37 2.90
CA ARG A 41 22.44 -16.48 3.60
C ARG A 41 22.30 -17.39 4.82
N GLN A 42 21.14 -17.32 5.45
CA GLN A 42 20.87 -18.13 6.63
C GLN A 42 19.66 -19.02 6.38
N PRO A 43 19.90 -20.36 6.47
CA PRO A 43 18.83 -21.33 6.27
C PRO A 43 17.92 -21.39 7.48
N ASP A 44 18.24 -20.57 8.47
CA ASP A 44 17.45 -20.52 9.69
C ASP A 44 16.52 -19.31 9.65
N LEU A 45 16.44 -18.72 8.47
CA LEU A 45 15.59 -17.55 8.28
C LEU A 45 14.71 -17.75 7.04
N ILE A 46 14.51 -19.01 6.70
CA ILE A 46 13.70 -19.35 5.53
C ILE A 46 12.23 -19.16 5.89
N PRO A 47 11.82 -19.80 7.02
CA PRO A 47 10.43 -19.71 7.47
C PRO A 47 10.15 -18.33 8.08
N LEU A 48 11.22 -17.61 8.36
CA LEU A 48 11.09 -16.29 8.95
C LEU A 48 10.86 -15.26 7.84
N LEU A 49 11.86 -15.12 6.99
CA LEU A 49 11.77 -14.18 5.88
C LEU A 49 10.42 -14.33 5.19
N ARG A 50 9.95 -15.56 5.15
CA ARG A 50 8.67 -15.86 4.52
C ARG A 50 7.53 -15.33 5.38
N THR A 51 7.59 -15.66 6.67
CA THR A 51 6.57 -15.22 7.60
C THR A 51 6.45 -13.70 7.60
N GLN A 52 7.57 -13.04 7.85
CA GLN A 52 7.60 -11.59 7.88
C GLN A 52 7.14 -11.03 6.54
N PHE A 53 7.53 -11.71 5.47
CA PHE A 53 7.16 -11.30 4.13
C PHE A 53 5.64 -11.30 3.96
N PHE A 54 5.06 -12.49 4.08
CA PHE A 54 3.63 -12.64 3.94
C PHE A 54 2.89 -11.45 4.56
N ILE A 55 3.16 -11.23 5.83
CA ILE A 55 2.53 -10.13 6.55
C ILE A 55 2.74 -8.83 5.77
N VAL A 56 4.00 -8.58 5.44
CA VAL A 56 4.35 -7.37 4.70
C VAL A 56 3.52 -7.31 3.41
N MET A 57 3.16 -8.49 2.92
CA MET A 57 2.39 -8.58 1.70
C MET A 57 1.02 -7.90 1.88
N GLY A 58 0.27 -8.38 2.84
CA GLY A 58 -1.05 -7.82 3.12
C GLY A 58 -0.94 -6.37 3.60
N LEU A 59 -0.01 -6.16 4.53
CA LEU A 59 0.20 -4.83 5.08
C LEU A 59 0.54 -3.86 3.94
N VAL A 60 1.31 -4.36 2.99
CA VAL A 60 1.71 -3.56 1.85
C VAL A 60 0.48 -3.15 1.06
N ASN A 61 -0.46 -4.08 0.95
CA ASN A 61 -1.68 -3.83 0.22
C ASN A 61 -2.68 -3.12 1.13
N ALA A 62 -2.28 -2.98 2.39
CA ALA A 62 -3.12 -2.32 3.37
C ALA A 62 -2.79 -0.83 3.39
N ILE A 63 -1.59 -0.51 2.94
CA ILE A 63 -1.15 0.88 2.91
C ILE A 63 -2.06 1.68 1.97
N PRO A 64 -2.18 1.17 0.71
CA PRO A 64 -3.02 1.83 -0.27
C PRO A 64 -4.50 1.57 0.01
N MET A 65 -4.81 0.31 0.29
CA MET A 65 -6.19 -0.07 0.58
C MET A 65 -6.78 0.80 1.68
N ILE A 66 -5.95 1.06 2.69
CA ILE A 66 -6.37 1.87 3.82
C ILE A 66 -6.31 3.35 3.43
N ALA A 67 -5.40 3.65 2.52
CA ALA A 67 -5.22 5.02 2.06
C ALA A 67 -6.46 5.44 1.26
N VAL A 68 -6.59 4.87 0.08
CA VAL A 68 -7.72 5.18 -0.78
C VAL A 68 -9.01 4.73 -0.10
N GLY A 69 -8.88 3.71 0.73
CA GLY A 69 -10.03 3.18 1.46
C GLY A 69 -10.75 4.28 2.24
N LEU A 70 -9.98 4.92 3.12
CA LEU A 70 -10.53 6.00 3.93
C LEU A 70 -11.02 7.12 3.02
N GLY A 71 -10.11 7.61 2.20
CA GLY A 71 -10.44 8.69 1.27
C GLY A 71 -11.81 8.46 0.63
N LEU A 72 -11.99 7.25 0.11
CA LEU A 72 -13.24 6.90 -0.53
C LEU A 72 -14.39 7.07 0.46
N TYR A 73 -14.36 6.23 1.49
CA TYR A 73 -15.39 6.28 2.52
C TYR A 73 -15.80 7.72 2.82
N VAL A 74 -14.81 8.58 2.89
CA VAL A 74 -15.04 9.99 3.17
C VAL A 74 -15.80 10.61 1.99
N MET A 75 -15.22 10.47 0.81
CA MET A 75 -15.84 11.01 -0.39
C MET A 75 -17.30 10.62 -0.49
N PHE A 76 -17.55 9.32 -0.34
CA PHE A 76 -18.90 8.80 -0.41
C PHE A 76 -19.73 9.27 0.79
N ALA A 77 -19.03 9.76 1.80
CA ALA A 77 -19.69 10.25 3.00
C ALA A 77 -20.27 11.63 2.74
N VAL A 78 -19.39 12.54 2.30
CA VAL A 78 -19.81 13.90 2.00
C VAL A 78 -20.10 14.02 0.51
N ALA A 79 -20.22 12.87 -0.15
CA ALA A 79 -20.49 12.84 -1.57
C ALA A 79 -20.64 11.39 -2.03
N MET A 1 -18.57 26.64 -7.19
CA MET A 1 -19.04 25.34 -6.76
C MET A 1 -17.97 24.58 -5.99
N GLU A 2 -18.08 24.64 -4.66
CA GLU A 2 -17.13 23.97 -3.80
C GLU A 2 -17.56 22.52 -3.54
N ASN A 3 -18.84 22.28 -3.80
CA ASN A 3 -19.41 20.95 -3.60
C ASN A 3 -19.16 20.10 -4.84
N LEU A 4 -18.58 20.73 -5.85
CA LEU A 4 -18.28 20.04 -7.09
C LEU A 4 -16.76 20.03 -7.32
N ASN A 5 -16.14 21.16 -7.01
CA ASN A 5 -14.70 21.28 -7.17
C ASN A 5 -14.00 20.28 -6.25
N MET A 6 -14.67 19.97 -5.16
CA MET A 6 -14.13 19.03 -4.19
C MET A 6 -13.82 17.68 -4.85
N ASP A 7 -14.41 17.49 -6.02
CA ASP A 7 -14.22 16.25 -6.76
C ASP A 7 -12.92 16.34 -7.57
N LEU A 8 -12.83 17.42 -8.34
CA LEU A 8 -11.65 17.64 -9.16
C LEU A 8 -10.39 17.48 -8.31
N LEU A 9 -10.41 18.14 -7.16
CA LEU A 9 -9.29 18.07 -6.24
C LEU A 9 -9.15 16.65 -5.70
N TYR A 10 -10.16 16.23 -4.96
CA TYR A 10 -10.17 14.89 -4.38
C TYR A 10 -9.56 13.88 -5.34
N MET A 11 -9.78 14.13 -6.63
CA MET A 11 -9.26 13.23 -7.66
C MET A 11 -7.73 13.33 -7.74
N ALA A 12 -7.26 14.55 -7.94
CA ALA A 12 -5.82 14.79 -8.03
C ALA A 12 -5.14 14.26 -6.77
N ALA A 13 -5.77 14.52 -5.64
CA ALA A 13 -5.23 14.07 -4.37
C ALA A 13 -5.27 12.55 -4.30
N ALA A 14 -6.49 12.02 -4.17
CA ALA A 14 -6.67 10.58 -4.09
C ALA A 14 -5.73 9.90 -5.09
N VAL A 15 -5.95 10.21 -6.36
CA VAL A 15 -5.13 9.63 -7.42
C VAL A 15 -3.68 9.58 -6.96
N MET A 16 -3.23 10.70 -6.41
CA MET A 16 -1.86 10.80 -5.93
C MET A 16 -1.59 9.79 -4.82
N MET A 17 -2.49 9.77 -3.85
CA MET A 17 -2.36 8.85 -2.73
C MET A 17 -2.33 7.40 -3.21
N GLY A 18 -3.04 7.15 -4.30
CA GLY A 18 -3.11 5.82 -4.87
C GLY A 18 -1.74 5.38 -5.40
N LEU A 19 -1.26 6.12 -6.40
CA LEU A 19 0.03 5.81 -6.99
C LEU A 19 1.10 5.81 -5.90
N ALA A 20 1.23 6.94 -5.23
CA ALA A 20 2.21 7.08 -4.17
C ALA A 20 2.13 5.86 -3.25
N ALA A 21 0.97 5.69 -2.63
CA ALA A 21 0.76 4.57 -1.73
C ALA A 21 1.33 3.30 -2.37
N ILE A 22 0.84 3.00 -3.56
CA ILE A 22 1.29 1.82 -4.28
C ILE A 22 2.82 1.76 -4.27
N GLY A 23 3.41 2.91 -4.58
CA GLY A 23 4.86 3.00 -4.60
C GLY A 23 5.48 2.40 -3.34
N ASP A 24 5.18 3.04 -2.21
CA ASP A 24 5.70 2.58 -0.94
C ASP A 24 5.28 1.12 -0.71
N ALA A 25 3.97 0.92 -0.68
CA ALA A 25 3.43 -0.41 -0.46
C ALA A 25 4.24 -1.42 -1.28
N ILE A 26 4.80 -0.93 -2.38
CA ILE A 26 5.59 -1.78 -3.26
C ILE A 26 6.99 -1.93 -2.67
N GLY A 27 7.59 -0.79 -2.34
CA GLY A 27 8.92 -0.79 -1.76
C GLY A 27 9.14 -2.01 -0.86
N ILE A 28 8.14 -2.27 -0.03
CA ILE A 28 8.21 -3.40 0.89
C ILE A 28 7.96 -4.70 0.11
N GLY A 29 6.89 -4.69 -0.66
CA GLY A 29 6.52 -5.85 -1.44
C GLY A 29 7.75 -6.43 -2.16
N ILE A 30 8.46 -5.55 -2.86
CA ILE A 30 9.64 -5.95 -3.59
C ILE A 30 10.74 -6.34 -2.60
N LEU A 31 10.71 -5.69 -1.45
CA LEU A 31 11.68 -5.97 -0.41
C LEU A 31 11.61 -7.44 -0.01
N GLY A 32 10.38 -7.91 0.14
CA GLY A 32 10.15 -9.29 0.52
C GLY A 32 10.85 -10.25 -0.45
N GLY A 33 10.95 -9.82 -1.69
CA GLY A 33 11.59 -10.62 -2.72
C GLY A 33 13.12 -10.49 -2.65
N LYS A 34 13.56 -9.24 -2.47
CA LYS A 34 14.99 -8.96 -2.38
C LYS A 34 15.55 -9.57 -1.09
N PHE A 35 14.63 -10.03 -0.25
CA PHE A 35 15.02 -10.64 1.01
C PHE A 35 15.16 -12.16 0.87
N LEU A 36 14.35 -12.72 -0.01
CA LEU A 36 14.38 -14.15 -0.26
C LEU A 36 15.83 -14.62 -0.31
N GLU A 37 16.57 -14.07 -1.26
CA GLU A 37 17.97 -14.43 -1.43
C GLU A 37 18.78 -13.94 -0.23
N GLY A 38 18.41 -12.77 0.26
CA GLY A 38 19.10 -12.18 1.39
C GLY A 38 19.04 -13.10 2.61
N ALA A 39 17.93 -13.80 2.73
CA ALA A 39 17.74 -14.72 3.84
C ALA A 39 18.10 -16.14 3.39
N ALA A 40 18.26 -16.29 2.08
CA ALA A 40 18.59 -17.58 1.51
C ALA A 40 19.94 -18.04 2.08
N ARG A 41 20.76 -17.06 2.44
CA ARG A 41 22.07 -17.36 3.00
C ARG A 41 21.97 -17.49 4.51
N GLN A 42 20.77 -17.32 5.02
CA GLN A 42 20.54 -17.42 6.45
C GLN A 42 19.62 -18.61 6.76
N PRO A 43 20.25 -19.70 7.28
CA PRO A 43 19.51 -20.90 7.62
C PRO A 43 18.71 -20.70 8.90
N ASP A 44 18.81 -19.51 9.45
CA ASP A 44 18.10 -19.18 10.68
C ASP A 44 17.21 -17.97 10.44
N LEU A 45 17.05 -17.63 9.17
CA LEU A 45 16.22 -16.50 8.79
C LEU A 45 15.26 -16.92 7.69
N ILE A 46 15.13 -18.23 7.52
CA ILE A 46 14.24 -18.77 6.51
C ILE A 46 12.79 -18.57 6.95
N PRO A 47 12.49 -19.00 8.19
CA PRO A 47 11.15 -18.87 8.74
C PRO A 47 10.86 -17.43 9.14
N LEU A 48 11.87 -16.58 8.95
CA LEU A 48 11.74 -15.17 9.29
C LEU A 48 11.44 -14.38 8.02
N LEU A 49 12.26 -14.60 7.01
CA LEU A 49 12.10 -13.91 5.74
C LEU A 49 10.66 -14.12 5.24
N ARG A 50 10.25 -15.37 5.22
CA ARG A 50 8.92 -15.72 4.77
C ARG A 50 7.87 -14.99 5.61
N THR A 51 7.81 -15.37 6.88
CA THR A 51 6.86 -14.76 7.80
C THR A 51 6.73 -13.26 7.52
N GLN A 52 7.87 -12.62 7.38
CA GLN A 52 7.89 -11.19 7.10
C GLN A 52 7.18 -10.89 5.79
N PHE A 53 7.63 -11.56 4.74
CA PHE A 53 7.05 -11.37 3.42
C PHE A 53 5.52 -11.36 3.49
N PHE A 54 4.98 -12.47 3.97
CA PHE A 54 3.54 -12.60 4.11
C PHE A 54 2.92 -11.33 4.67
N ILE A 55 3.48 -10.87 5.77
CA ILE A 55 2.98 -9.66 6.41
C ILE A 55 3.16 -8.47 5.47
N VAL A 56 4.30 -8.48 4.78
CA VAL A 56 4.60 -7.41 3.84
C VAL A 56 3.52 -7.35 2.77
N MET A 57 3.46 -8.40 1.97
CA MET A 57 2.46 -8.49 0.91
C MET A 57 1.09 -7.98 1.40
N GLY A 58 0.84 -8.21 2.68
CA GLY A 58 -0.41 -7.79 3.28
C GLY A 58 -0.44 -6.28 3.50
N LEU A 59 0.69 -5.76 3.96
CA LEU A 59 0.81 -4.33 4.21
C LEU A 59 1.03 -3.60 2.89
N VAL A 60 1.22 -4.38 1.84
CA VAL A 60 1.44 -3.82 0.51
C VAL A 60 0.09 -3.59 -0.17
N ASN A 61 -0.81 -4.53 0.06
CA ASN A 61 -2.13 -4.45 -0.54
C ASN A 61 -3.09 -3.78 0.46
N ALA A 62 -2.60 -3.63 1.68
CA ALA A 62 -3.41 -3.01 2.74
C ALA A 62 -3.11 -1.52 2.78
N ILE A 63 -1.84 -1.19 2.60
CA ILE A 63 -1.41 0.20 2.62
C ILE A 63 -2.31 1.02 1.70
N PRO A 64 -2.49 0.49 0.45
CA PRO A 64 -3.33 1.16 -0.53
C PRO A 64 -4.81 0.98 -0.21
N MET A 65 -5.20 -0.27 -0.04
CA MET A 65 -6.58 -0.60 0.26
C MET A 65 -7.14 0.37 1.31
N ILE A 66 -6.37 0.58 2.36
CA ILE A 66 -6.78 1.49 3.43
C ILE A 66 -6.61 2.92 2.96
N ALA A 67 -5.64 3.14 2.10
CA ALA A 67 -5.37 4.46 1.57
C ALA A 67 -6.59 4.95 0.79
N VAL A 68 -6.81 4.34 -0.36
CA VAL A 68 -7.94 4.70 -1.20
C VAL A 68 -9.25 4.33 -0.49
N GLY A 69 -9.15 3.32 0.37
CA GLY A 69 -10.31 2.85 1.11
C GLY A 69 -10.94 4.00 1.90
N LEU A 70 -10.15 4.55 2.81
CA LEU A 70 -10.62 5.65 3.64
C LEU A 70 -11.06 6.81 2.74
N GLY A 71 -10.17 7.20 1.84
CA GLY A 71 -10.46 8.28 0.92
C GLY A 71 -11.85 8.11 0.30
N LEU A 72 -12.13 6.89 -0.13
CA LEU A 72 -13.41 6.59 -0.74
C LEU A 72 -14.53 6.77 0.29
N TYR A 73 -14.43 5.99 1.35
CA TYR A 73 -15.42 6.05 2.42
C TYR A 73 -15.82 7.50 2.72
N VAL A 74 -14.81 8.35 2.78
CA VAL A 74 -15.04 9.77 3.06
C VAL A 74 -15.86 10.36 1.91
N MET A 75 -15.48 10.02 0.69
CA MET A 75 -16.16 10.51 -0.48
C MET A 75 -17.64 10.11 -0.46
N PHE A 76 -17.88 8.88 -0.04
CA PHE A 76 -19.23 8.36 0.03
C PHE A 76 -19.94 8.85 1.29
N ALA A 77 -19.15 9.40 2.20
CA ALA A 77 -19.70 9.90 3.45
C ALA A 77 -20.46 11.20 3.19
N VAL A 78 -19.83 12.08 2.43
CA VAL A 78 -20.44 13.35 2.08
C VAL A 78 -21.56 13.12 1.07
N ALA A 79 -21.37 12.11 0.24
CA ALA A 79 -22.35 11.77 -0.78
C ALA A 79 -22.82 10.33 -0.56
N MET A 1 -19.41 25.23 -5.70
CA MET A 1 -19.17 23.93 -6.32
C MET A 1 -18.43 23.00 -5.35
N GLU A 2 -19.20 22.18 -4.67
CA GLU A 2 -18.63 21.23 -3.72
C GLU A 2 -18.61 19.82 -4.31
N ASN A 3 -19.27 19.68 -5.44
CA ASN A 3 -19.34 18.41 -6.13
C ASN A 3 -19.18 18.62 -7.64
N LEU A 4 -18.55 19.74 -7.98
CA LEU A 4 -18.34 20.07 -9.37
C LEU A 4 -16.83 20.19 -9.63
N ASN A 5 -16.16 20.89 -8.74
CA ASN A 5 -14.72 21.09 -8.86
C ASN A 5 -14.02 20.36 -7.71
N MET A 6 -14.58 20.51 -6.52
CA MET A 6 -14.02 19.89 -5.33
C MET A 6 -13.70 18.42 -5.60
N ASP A 7 -14.69 17.71 -6.12
CA ASP A 7 -14.54 16.30 -6.42
C ASP A 7 -13.26 16.10 -7.24
N LEU A 8 -13.13 16.92 -8.27
CA LEU A 8 -11.97 16.85 -9.14
C LEU A 8 -10.69 16.94 -8.30
N LEU A 9 -10.62 17.99 -7.49
CA LEU A 9 -9.47 18.19 -6.63
C LEU A 9 -9.21 16.92 -5.83
N TYR A 10 -10.26 16.44 -5.18
CA TYR A 10 -10.15 15.23 -4.38
C TYR A 10 -9.53 14.09 -5.18
N MET A 11 -10.08 13.87 -6.36
CA MET A 11 -9.59 12.81 -7.24
C MET A 11 -8.06 12.83 -7.31
N ALA A 12 -7.53 14.00 -7.63
CA ALA A 12 -6.09 14.17 -7.74
C ALA A 12 -5.45 13.87 -6.38
N ALA A 13 -6.24 14.04 -5.33
CA ALA A 13 -5.76 13.79 -3.98
C ALA A 13 -5.70 12.28 -3.74
N ALA A 14 -6.88 11.70 -3.59
CA ALA A 14 -6.97 10.26 -3.35
C ALA A 14 -6.04 9.53 -4.33
N VAL A 15 -6.25 9.81 -5.61
CA VAL A 15 -5.44 9.17 -6.64
C VAL A 15 -3.95 9.26 -6.26
N MET A 16 -3.55 10.46 -5.87
CA MET A 16 -2.18 10.69 -5.47
C MET A 16 -1.78 9.80 -4.30
N MET A 17 -2.56 9.91 -3.22
CA MET A 17 -2.31 9.13 -2.03
C MET A 17 -2.18 7.64 -2.37
N GLY A 18 -2.98 7.22 -3.33
CA GLY A 18 -2.98 5.83 -3.76
C GLY A 18 -1.65 5.47 -4.42
N LEU A 19 -1.48 5.96 -5.64
CA LEU A 19 -0.26 5.69 -6.39
C LEU A 19 0.94 5.76 -5.44
N ALA A 20 1.04 6.89 -4.74
CA ALA A 20 2.13 7.09 -3.80
C ALA A 20 2.21 5.90 -2.85
N ALA A 21 1.09 5.63 -2.20
CA ALA A 21 1.01 4.52 -1.25
C ALA A 21 1.54 3.25 -1.92
N ILE A 22 0.86 2.85 -2.98
CA ILE A 22 1.25 1.66 -3.71
C ILE A 22 2.77 1.65 -3.89
N GLY A 23 3.29 2.81 -4.29
CA GLY A 23 4.72 2.96 -4.50
C GLY A 23 5.51 2.43 -3.31
N ASP A 24 5.32 3.08 -2.18
CA ASP A 24 6.00 2.69 -0.96
C ASP A 24 5.65 1.24 -0.63
N ALA A 25 4.36 1.02 -0.40
CA ALA A 25 3.88 -0.31 -0.07
C ALA A 25 4.61 -1.34 -0.94
N ILE A 26 4.98 -0.90 -2.13
CA ILE A 26 5.69 -1.77 -3.07
C ILE A 26 7.14 -1.90 -2.63
N GLY A 27 7.78 -0.76 -2.43
CA GLY A 27 9.18 -0.74 -2.01
C GLY A 27 9.48 -1.91 -1.08
N ILE A 28 8.60 -2.11 -0.12
CA ILE A 28 8.77 -3.20 0.84
C ILE A 28 8.45 -4.53 0.16
N GLY A 29 7.29 -4.57 -0.46
CA GLY A 29 6.85 -5.77 -1.14
C GLY A 29 7.99 -6.38 -1.97
N ILE A 30 8.57 -5.54 -2.82
CA ILE A 30 9.67 -5.97 -3.66
C ILE A 30 10.88 -6.32 -2.79
N LEU A 31 10.96 -5.63 -1.66
CA LEU A 31 12.07 -5.85 -0.73
C LEU A 31 12.05 -7.31 -0.27
N GLY A 32 10.87 -7.76 0.12
CA GLY A 32 10.71 -9.14 0.58
C GLY A 32 11.31 -10.13 -0.42
N GLY A 33 11.15 -9.81 -1.70
CA GLY A 33 11.67 -10.65 -2.75
C GLY A 33 13.19 -10.51 -2.87
N LYS A 34 13.64 -9.27 -2.76
CA LYS A 34 15.06 -8.98 -2.84
C LYS A 34 15.77 -9.47 -1.57
N PHE A 35 14.95 -9.88 -0.61
CA PHE A 35 15.47 -10.36 0.66
C PHE A 35 15.52 -11.89 0.68
N LEU A 36 14.54 -12.49 0.00
CA LEU A 36 14.46 -13.93 -0.07
C LEU A 36 15.81 -14.50 -0.54
N GLU A 37 16.33 -13.88 -1.58
CA GLU A 37 17.60 -14.31 -2.14
C GLU A 37 18.73 -14.05 -1.15
N GLY A 38 18.68 -12.88 -0.52
CA GLY A 38 19.68 -12.50 0.45
C GLY A 38 19.74 -13.51 1.61
N ALA A 39 18.63 -13.60 2.32
CA ALA A 39 18.54 -14.52 3.44
C ALA A 39 18.78 -15.95 2.95
N ALA A 40 18.67 -16.11 1.64
CA ALA A 40 18.86 -17.42 1.03
C ALA A 40 20.22 -17.99 1.48
N ARG A 41 21.10 -17.09 1.86
CA ARG A 41 22.43 -17.49 2.31
C ARG A 41 22.32 -18.40 3.55
N GLN A 42 21.32 -18.11 4.37
CA GLN A 42 21.10 -18.90 5.57
C GLN A 42 19.70 -19.52 5.54
N PRO A 43 19.69 -20.88 5.56
CA PRO A 43 18.43 -21.62 5.53
C PRO A 43 17.73 -21.56 6.89
N ASP A 44 18.38 -20.86 7.82
CA ASP A 44 17.83 -20.73 9.16
C ASP A 44 17.18 -19.35 9.31
N LEU A 45 17.04 -18.69 8.17
CA LEU A 45 16.43 -17.36 8.15
C LEU A 45 15.46 -17.26 6.98
N ILE A 46 15.17 -18.42 6.39
CA ILE A 46 14.26 -18.47 5.26
C ILE A 46 12.82 -18.37 5.77
N PRO A 47 12.48 -19.26 6.74
CA PRO A 47 11.15 -19.27 7.31
C PRO A 47 10.95 -18.10 8.26
N LEU A 48 12.00 -17.29 8.39
CA LEU A 48 11.95 -16.14 9.27
C LEU A 48 11.58 -14.90 8.46
N LEU A 49 12.44 -14.58 7.49
CA LEU A 49 12.21 -13.43 6.64
C LEU A 49 10.97 -13.68 5.76
N ARG A 50 10.79 -14.95 5.41
CA ARG A 50 9.67 -15.33 4.58
C ARG A 50 8.35 -14.99 5.27
N THR A 51 8.10 -15.68 6.38
CA THR A 51 6.89 -15.46 7.14
C THR A 51 6.64 -13.95 7.34
N GLN A 52 7.74 -13.24 7.54
CA GLN A 52 7.66 -11.80 7.74
C GLN A 52 7.06 -11.12 6.51
N PHE A 53 7.66 -11.42 5.36
CA PHE A 53 7.20 -10.85 4.11
C PHE A 53 5.69 -11.00 3.97
N PHE A 54 5.17 -12.12 4.46
CA PHE A 54 3.76 -12.40 4.40
C PHE A 54 2.95 -11.34 5.18
N ILE A 55 3.27 -11.24 6.46
CA ILE A 55 2.59 -10.28 7.33
C ILE A 55 2.80 -8.87 6.77
N VAL A 56 3.98 -8.66 6.20
CA VAL A 56 4.31 -7.36 5.64
C VAL A 56 3.46 -7.13 4.39
N MET A 57 3.16 -8.22 3.70
CA MET A 57 2.37 -8.14 2.48
C MET A 57 0.99 -7.51 2.77
N GLY A 58 0.32 -8.09 3.76
CA GLY A 58 -1.00 -7.60 4.14
C GLY A 58 -0.94 -6.12 4.53
N LEU A 59 -0.19 -5.85 5.59
CA LEU A 59 -0.05 -4.48 6.07
C LEU A 59 0.28 -3.56 4.90
N VAL A 60 1.20 -4.03 4.07
CA VAL A 60 1.62 -3.26 2.90
C VAL A 60 0.39 -2.95 2.04
N ASN A 61 -0.45 -3.95 1.88
CA ASN A 61 -1.66 -3.80 1.08
C ASN A 61 -2.71 -3.06 1.90
N ALA A 62 -2.35 -2.77 3.14
CA ALA A 62 -3.26 -2.06 4.03
C ALA A 62 -3.01 -0.56 3.91
N ILE A 63 -1.80 -0.22 3.52
CA ILE A 63 -1.42 1.18 3.36
C ILE A 63 -2.36 1.85 2.35
N PRO A 64 -2.47 1.21 1.15
CA PRO A 64 -3.32 1.72 0.10
C PRO A 64 -4.80 1.46 0.41
N MET A 65 -5.07 0.21 0.76
CA MET A 65 -6.44 -0.19 1.08
C MET A 65 -7.09 0.81 2.04
N ILE A 66 -6.31 1.22 3.03
CA ILE A 66 -6.80 2.17 4.01
C ILE A 66 -6.73 3.59 3.43
N ALA A 67 -5.77 3.78 2.54
CA ALA A 67 -5.59 5.07 1.90
C ALA A 67 -6.83 5.40 1.07
N VAL A 68 -6.99 4.66 -0.01
CA VAL A 68 -8.12 4.85 -0.90
C VAL A 68 -9.41 4.46 -0.18
N GLY A 69 -9.28 3.48 0.70
CA GLY A 69 -10.41 3.00 1.47
C GLY A 69 -11.23 4.16 2.04
N LEU A 70 -10.54 4.99 2.81
CA LEU A 70 -11.18 6.14 3.42
C LEU A 70 -11.52 7.17 2.33
N GLY A 71 -10.50 7.57 1.60
CA GLY A 71 -10.68 8.55 0.54
C GLY A 71 -11.99 8.30 -0.21
N LEU A 72 -12.30 7.03 -0.41
CA LEU A 72 -13.51 6.65 -1.10
C LEU A 72 -14.72 7.01 -0.24
N TYR A 73 -14.82 6.35 0.90
CA TYR A 73 -15.92 6.60 1.82
C TYR A 73 -16.29 8.09 1.85
N VAL A 74 -15.26 8.92 1.83
CA VAL A 74 -15.46 10.36 1.85
C VAL A 74 -16.08 10.80 0.52
N MET A 75 -15.33 10.58 -0.55
CA MET A 75 -15.79 10.95 -1.87
C MET A 75 -17.22 10.45 -2.12
N PHE A 76 -17.60 9.43 -1.36
CA PHE A 76 -18.93 8.87 -1.48
C PHE A 76 -19.88 9.47 -0.45
N ALA A 77 -19.31 9.85 0.68
CA ALA A 77 -20.10 10.45 1.75
C ALA A 77 -20.65 11.79 1.28
N VAL A 78 -19.75 12.63 0.79
CA VAL A 78 -20.14 13.93 0.30
C VAL A 78 -21.15 13.79 -0.84
N ALA A 79 -20.81 12.90 -1.77
CA ALA A 79 -21.68 12.64 -2.90
C ALA A 79 -23.05 12.19 -2.41
N MET A 1 -18.62 26.24 -4.91
CA MET A 1 -18.00 25.13 -5.61
C MET A 1 -17.52 24.07 -4.62
N GLU A 2 -18.42 23.15 -4.30
CA GLU A 2 -18.10 22.08 -3.37
C GLU A 2 -18.53 20.73 -3.94
N ASN A 3 -18.93 20.76 -5.21
CA ASN A 3 -19.37 19.54 -5.88
C ASN A 3 -19.19 19.71 -7.38
N LEU A 4 -18.14 20.46 -7.74
CA LEU A 4 -17.85 20.70 -9.14
C LEU A 4 -16.33 20.64 -9.34
N ASN A 5 -15.64 21.56 -8.69
CA ASN A 5 -14.19 21.62 -8.80
C ASN A 5 -13.58 20.60 -7.84
N MET A 6 -14.16 20.50 -6.66
CA MET A 6 -13.68 19.58 -5.65
C MET A 6 -13.51 18.17 -6.24
N ASP A 7 -14.58 17.69 -6.84
CA ASP A 7 -14.57 16.36 -7.45
C ASP A 7 -13.23 16.14 -8.16
N LEU A 8 -12.83 17.16 -8.91
CA LEU A 8 -11.58 17.10 -9.65
C LEU A 8 -10.42 16.97 -8.66
N LEU A 9 -10.23 18.02 -7.87
CA LEU A 9 -9.17 18.04 -6.89
C LEU A 9 -9.07 16.66 -6.22
N TYR A 10 -10.14 16.30 -5.53
CA TYR A 10 -10.18 15.02 -4.85
C TYR A 10 -9.50 13.93 -5.67
N MET A 11 -9.92 13.83 -6.92
CA MET A 11 -9.35 12.84 -7.83
C MET A 11 -7.83 12.91 -7.84
N ALA A 12 -7.33 14.08 -8.25
CA ALA A 12 -5.90 14.29 -8.31
C ALA A 12 -5.26 13.88 -6.98
N ALA A 13 -5.93 14.26 -5.91
CA ALA A 13 -5.45 13.95 -4.57
C ALA A 13 -5.38 12.42 -4.41
N ALA A 14 -6.53 11.83 -4.18
CA ALA A 14 -6.62 10.39 -4.01
C ALA A 14 -5.66 9.71 -4.99
N VAL A 15 -5.93 9.91 -6.27
CA VAL A 15 -5.11 9.32 -7.31
C VAL A 15 -3.62 9.41 -6.90
N MET A 16 -3.21 10.63 -6.59
CA MET A 16 -1.84 10.86 -6.18
C MET A 16 -1.47 9.99 -4.97
N MET A 17 -2.37 9.98 -4.00
CA MET A 17 -2.14 9.20 -2.80
C MET A 17 -1.94 7.72 -3.13
N GLY A 18 -2.96 7.14 -3.75
CA GLY A 18 -2.90 5.74 -4.13
C GLY A 18 -1.58 5.41 -4.82
N LEU A 19 -1.17 6.31 -5.70
CA LEU A 19 0.06 6.13 -6.44
C LEU A 19 1.23 6.09 -5.45
N ALA A 20 1.52 7.23 -4.86
CA ALA A 20 2.61 7.35 -3.90
C ALA A 20 2.57 6.13 -2.97
N ALA A 21 1.50 6.03 -2.22
CA ALA A 21 1.34 4.92 -1.29
C ALA A 21 1.80 3.62 -1.96
N ILE A 22 1.16 3.31 -3.08
CA ILE A 22 1.51 2.11 -3.82
C ILE A 22 3.03 1.99 -3.92
N GLY A 23 3.65 3.09 -4.33
CA GLY A 23 5.09 3.12 -4.48
C GLY A 23 5.78 2.55 -3.24
N ASP A 24 5.59 3.24 -2.12
CA ASP A 24 6.18 2.81 -0.86
C ASP A 24 5.76 1.37 -0.58
N ALA A 25 4.47 1.18 -0.39
CA ALA A 25 3.93 -0.14 -0.11
C ALA A 25 4.65 -1.17 -0.97
N ILE A 26 5.09 -0.73 -2.14
CA ILE A 26 5.79 -1.59 -3.07
C ILE A 26 7.25 -1.76 -2.61
N GLY A 27 7.89 -0.62 -2.36
CA GLY A 27 9.27 -0.62 -1.92
C GLY A 27 9.55 -1.82 -1.00
N ILE A 28 8.64 -2.03 -0.08
CA ILE A 28 8.77 -3.15 0.86
C ILE A 28 8.45 -4.46 0.15
N GLY A 29 7.31 -4.45 -0.53
CA GLY A 29 6.86 -5.63 -1.26
C GLY A 29 8.01 -6.24 -2.06
N ILE A 30 8.68 -5.39 -2.83
CA ILE A 30 9.80 -5.84 -3.64
C ILE A 30 10.96 -6.22 -2.74
N LEU A 31 11.03 -5.55 -1.60
CA LEU A 31 12.09 -5.81 -0.63
C LEU A 31 11.98 -7.25 -0.13
N GLY A 32 10.74 -7.68 0.07
CA GLY A 32 10.49 -9.03 0.55
C GLY A 32 11.14 -10.06 -0.38
N GLY A 33 11.11 -9.75 -1.67
CA GLY A 33 11.69 -10.64 -2.66
C GLY A 33 13.21 -10.50 -2.70
N LYS A 34 13.66 -9.27 -2.60
CA LYS A 34 15.09 -8.98 -2.62
C LYS A 34 15.74 -9.53 -1.35
N PHE A 35 14.88 -9.95 -0.43
CA PHE A 35 15.36 -10.51 0.83
C PHE A 35 15.45 -12.03 0.77
N LEU A 36 14.56 -12.62 -0.03
CA LEU A 36 14.53 -14.05 -0.19
C LEU A 36 15.93 -14.54 -0.59
N GLU A 37 16.50 -13.87 -1.58
CA GLU A 37 17.83 -14.23 -2.06
C GLU A 37 18.87 -13.95 -0.99
N GLY A 38 18.68 -12.85 -0.28
CA GLY A 38 19.60 -12.46 0.77
C GLY A 38 19.61 -13.50 1.90
N ALA A 39 18.43 -13.78 2.41
CA ALA A 39 18.30 -14.75 3.49
C ALA A 39 18.66 -16.15 2.96
N ALA A 40 18.67 -16.26 1.64
CA ALA A 40 19.00 -17.52 1.01
C ALA A 40 20.35 -18.02 1.53
N ARG A 41 21.12 -17.09 2.08
CA ARG A 41 22.42 -17.42 2.63
C ARG A 41 22.27 -18.15 3.96
N GLN A 42 21.16 -17.87 4.63
CA GLN A 42 20.88 -18.48 5.92
C GLN A 42 19.62 -19.34 5.83
N PRO A 43 19.82 -20.68 5.92
CA PRO A 43 18.71 -21.62 5.85
C PRO A 43 17.92 -21.61 7.15
N ASP A 44 18.37 -20.78 8.09
CA ASP A 44 17.71 -20.68 9.38
C ASP A 44 17.02 -19.32 9.49
N LEU A 45 16.92 -18.65 8.34
CA LEU A 45 16.28 -17.34 8.30
C LEU A 45 15.31 -17.30 7.12
N ILE A 46 15.08 -18.48 6.53
CA ILE A 46 14.17 -18.58 5.39
C ILE A 46 12.73 -18.51 5.89
N PRO A 47 12.43 -19.40 6.89
CA PRO A 47 11.09 -19.45 7.45
C PRO A 47 10.84 -18.26 8.39
N LEU A 48 11.86 -17.41 8.49
CA LEU A 48 11.76 -16.23 9.34
C LEU A 48 11.44 -15.01 8.47
N LEU A 49 12.30 -14.79 7.49
CA LEU A 49 12.12 -13.66 6.59
C LEU A 49 10.78 -13.81 5.86
N ARG A 50 10.48 -15.04 5.49
CA ARG A 50 9.24 -15.33 4.78
C ARG A 50 8.03 -14.87 5.62
N THR A 51 7.91 -15.49 6.79
CA THR A 51 6.81 -15.15 7.68
C THR A 51 6.54 -13.65 7.67
N GLN A 52 7.58 -12.90 7.98
CA GLN A 52 7.47 -11.45 8.01
C GLN A 52 6.97 -10.93 6.65
N PHE A 53 7.77 -11.21 5.63
CA PHE A 53 7.42 -10.78 4.28
C PHE A 53 5.93 -10.95 4.01
N PHE A 54 5.40 -12.09 4.48
CA PHE A 54 3.99 -12.38 4.30
C PHE A 54 3.12 -11.27 4.89
N ILE A 55 3.26 -11.08 6.19
CA ILE A 55 2.50 -10.07 6.89
C ILE A 55 2.75 -8.70 6.23
N VAL A 56 3.98 -8.52 5.77
CA VAL A 56 4.35 -7.27 5.12
C VAL A 56 3.50 -7.07 3.87
N MET A 57 3.45 -8.11 3.05
CA MET A 57 2.67 -8.06 1.82
C MET A 57 1.24 -7.58 2.10
N GLY A 58 0.70 -8.04 3.21
CA GLY A 58 -0.65 -7.66 3.60
C GLY A 58 -0.74 -6.15 3.86
N LEU A 59 -0.11 -5.74 4.95
CA LEU A 59 -0.12 -4.34 5.33
C LEU A 59 0.14 -3.48 4.09
N VAL A 60 1.12 -3.92 3.31
CA VAL A 60 1.48 -3.21 2.09
C VAL A 60 0.22 -2.98 1.24
N ASN A 61 -0.61 -4.00 1.19
CA ASN A 61 -1.85 -3.92 0.44
C ASN A 61 -2.91 -3.19 1.26
N ALA A 62 -2.68 -3.16 2.56
CA ALA A 62 -3.61 -2.51 3.48
C ALA A 62 -3.26 -1.01 3.55
N ILE A 63 -2.21 -0.64 2.83
CA ILE A 63 -1.77 0.75 2.81
C ILE A 63 -2.70 1.55 1.90
N PRO A 64 -2.81 1.08 0.63
CA PRO A 64 -3.65 1.75 -0.35
C PRO A 64 -5.13 1.46 -0.08
N MET A 65 -5.40 0.23 0.30
CA MET A 65 -6.76 -0.19 0.59
C MET A 65 -7.37 0.65 1.72
N ILE A 66 -6.58 0.81 2.77
CA ILE A 66 -7.03 1.58 3.93
C ILE A 66 -6.97 3.07 3.58
N ALA A 67 -6.05 3.41 2.69
CA ALA A 67 -5.88 4.79 2.27
C ALA A 67 -7.11 5.23 1.47
N VAL A 68 -7.20 4.70 0.25
CA VAL A 68 -8.31 5.02 -0.62
C VAL A 68 -9.62 4.58 0.04
N GLY A 69 -9.53 3.49 0.77
CA GLY A 69 -10.70 2.96 1.46
C GLY A 69 -11.35 4.03 2.34
N LEU A 70 -10.52 4.67 3.16
CA LEU A 70 -11.00 5.71 4.04
C LEU A 70 -11.60 6.85 3.22
N GLY A 71 -10.75 7.46 2.41
CA GLY A 71 -11.18 8.56 1.56
C GLY A 71 -12.55 8.28 0.95
N LEU A 72 -12.68 7.07 0.41
CA LEU A 72 -13.93 6.67 -0.21
C LEU A 72 -15.04 6.64 0.85
N TYR A 73 -14.86 5.77 1.83
CA TYR A 73 -15.84 5.64 2.90
C TYR A 73 -16.40 7.00 3.30
N VAL A 74 -15.51 7.98 3.37
CA VAL A 74 -15.89 9.33 3.73
C VAL A 74 -16.79 9.92 2.63
N MET A 75 -16.30 9.81 1.40
CA MET A 75 -17.05 10.31 0.26
C MET A 75 -18.45 9.71 0.20
N PHE A 76 -18.49 8.38 0.20
CA PHE A 76 -19.76 7.67 0.15
C PHE A 76 -20.62 8.00 1.37
N ALA A 77 -19.98 8.00 2.54
CA ALA A 77 -20.68 8.29 3.77
C ALA A 77 -21.55 9.53 3.58
N VAL A 78 -20.88 10.67 3.42
CA VAL A 78 -21.58 11.93 3.24
C VAL A 78 -22.43 11.84 1.97
N ALA A 79 -21.90 11.16 0.97
CA ALA A 79 -22.60 10.99 -0.28
C ALA A 79 -22.79 12.35 -0.95
N MET A 1 -24.55 17.60 -5.22
CA MET A 1 -23.62 18.68 -4.91
C MET A 1 -22.33 18.14 -4.29
N GLU A 2 -21.30 18.98 -4.32
CA GLU A 2 -20.01 18.59 -3.76
C GLU A 2 -19.42 17.43 -4.56
N ASN A 3 -20.03 17.16 -5.70
CA ASN A 3 -19.57 16.08 -6.56
C ASN A 3 -19.47 16.58 -8.00
N LEU A 4 -19.29 17.89 -8.12
CA LEU A 4 -19.18 18.49 -9.44
C LEU A 4 -17.76 19.02 -9.63
N ASN A 5 -17.28 19.75 -8.62
CA ASN A 5 -15.95 20.31 -8.67
C ASN A 5 -15.03 19.52 -7.74
N MET A 6 -15.35 19.59 -6.45
CA MET A 6 -14.56 18.89 -5.45
C MET A 6 -14.16 17.50 -5.94
N ASP A 7 -15.16 16.75 -6.38
CA ASP A 7 -14.92 15.41 -6.88
C ASP A 7 -13.67 15.41 -7.75
N LEU A 8 -13.54 16.45 -8.57
CA LEU A 8 -12.40 16.57 -9.45
C LEU A 8 -11.12 16.68 -8.61
N LEU A 9 -10.99 17.81 -7.94
CA LEU A 9 -9.83 18.04 -7.10
C LEU A 9 -9.48 16.77 -6.34
N TYR A 10 -10.41 16.35 -5.49
CA TYR A 10 -10.21 15.14 -4.69
C TYR A 10 -9.50 14.07 -5.51
N MET A 11 -10.07 13.76 -6.67
CA MET A 11 -9.50 12.75 -7.54
C MET A 11 -7.99 12.95 -7.69
N ALA A 12 -7.60 14.17 -8.01
CA ALA A 12 -6.19 14.50 -8.18
C ALA A 12 -5.44 14.14 -6.91
N ALA A 13 -5.99 14.58 -5.79
CA ALA A 13 -5.37 14.30 -4.49
C ALA A 13 -5.26 12.79 -4.30
N ALA A 14 -6.41 12.17 -4.03
CA ALA A 14 -6.45 10.73 -3.82
C ALA A 14 -5.50 10.05 -4.81
N VAL A 15 -5.83 10.19 -6.09
CA VAL A 15 -5.03 9.60 -7.14
C VAL A 15 -3.54 9.76 -6.80
N MET A 16 -3.16 11.00 -6.54
CA MET A 16 -1.78 11.29 -6.20
C MET A 16 -1.29 10.41 -5.06
N MET A 17 -2.12 10.34 -4.02
CA MET A 17 -1.78 9.53 -2.86
C MET A 17 -1.55 8.07 -3.24
N GLY A 18 -2.41 7.58 -4.12
CA GLY A 18 -2.31 6.21 -4.59
C GLY A 18 -0.93 5.92 -5.17
N LEU A 19 -0.42 6.90 -5.91
CA LEU A 19 0.89 6.76 -6.52
C LEU A 19 1.95 6.60 -5.43
N ALA A 20 2.16 7.67 -4.68
CA ALA A 20 3.13 7.66 -3.60
C ALA A 20 2.94 6.40 -2.76
N ALA A 21 1.76 6.30 -2.15
CA ALA A 21 1.45 5.16 -1.32
C ALA A 21 1.93 3.88 -2.02
N ILE A 22 1.49 3.71 -3.25
CA ILE A 22 1.88 2.55 -4.03
C ILE A 22 3.39 2.35 -3.94
N GLY A 23 4.10 3.44 -4.19
CA GLY A 23 5.55 3.41 -4.14
C GLY A 23 6.05 2.71 -2.86
N ASP A 24 5.75 3.34 -1.75
CA ASP A 24 6.15 2.79 -0.46
C ASP A 24 5.63 1.36 -0.33
N ALA A 25 4.32 1.24 -0.32
CA ALA A 25 3.69 -0.06 -0.21
C ALA A 25 4.46 -1.08 -1.05
N ILE A 26 5.07 -0.58 -2.10
CA ILE A 26 5.86 -1.43 -2.99
C ILE A 26 7.23 -1.70 -2.36
N GLY A 27 7.89 -0.61 -1.97
CA GLY A 27 9.20 -0.72 -1.36
C GLY A 27 9.29 -1.98 -0.49
N ILE A 28 8.25 -2.21 0.29
CA ILE A 28 8.20 -3.37 1.17
C ILE A 28 7.93 -4.62 0.32
N GLY A 29 6.92 -4.52 -0.53
CA GLY A 29 6.54 -5.64 -1.38
C GLY A 29 7.77 -6.21 -2.10
N ILE A 30 8.54 -5.31 -2.69
CA ILE A 30 9.74 -5.71 -3.41
C ILE A 30 10.76 -6.25 -2.41
N LEU A 31 10.73 -5.70 -1.21
CA LEU A 31 11.66 -6.12 -0.17
C LEU A 31 11.48 -7.61 0.09
N GLY A 32 10.25 -7.98 0.42
CA GLY A 32 9.93 -9.37 0.69
C GLY A 32 10.53 -10.29 -0.38
N GLY A 33 10.66 -9.75 -1.58
CA GLY A 33 11.21 -10.50 -2.69
C GLY A 33 12.73 -10.42 -2.70
N LYS A 34 13.23 -9.24 -2.37
CA LYS A 34 14.67 -9.01 -2.35
C LYS A 34 15.25 -9.65 -1.09
N PHE A 35 14.37 -10.22 -0.28
CA PHE A 35 14.79 -10.87 0.95
C PHE A 35 14.99 -12.37 0.75
N LEU A 36 14.26 -12.90 -0.23
CA LEU A 36 14.35 -14.32 -0.53
C LEU A 36 15.80 -14.68 -0.87
N GLU A 37 16.48 -13.71 -1.45
CA GLU A 37 17.88 -13.91 -1.82
C GLU A 37 18.80 -13.43 -0.71
N GLY A 38 18.32 -12.45 0.04
CA GLY A 38 19.09 -11.90 1.15
C GLY A 38 19.14 -12.89 2.33
N ALA A 39 17.96 -13.33 2.74
CA ALA A 39 17.86 -14.26 3.84
C ALA A 39 18.18 -15.68 3.34
N ALA A 40 18.49 -15.76 2.06
CA ALA A 40 18.81 -17.04 1.44
C ALA A 40 20.16 -17.52 1.98
N ARG A 41 20.92 -16.59 2.54
CA ARG A 41 22.22 -16.91 3.08
C ARG A 41 22.07 -17.54 4.46
N GLN A 42 20.90 -17.36 5.05
CA GLN A 42 20.62 -17.91 6.36
C GLN A 42 19.52 -18.96 6.28
N PRO A 43 19.91 -20.24 6.55
CA PRO A 43 18.97 -21.34 6.50
C PRO A 43 18.05 -21.33 7.72
N ASP A 44 18.26 -20.34 8.58
CA ASP A 44 17.45 -20.19 9.77
C ASP A 44 16.53 -18.98 9.63
N LEU A 45 16.45 -18.49 8.40
CA LEU A 45 15.61 -17.33 8.12
C LEU A 45 14.56 -17.71 7.07
N ILE A 46 14.37 -19.02 6.92
CA ILE A 46 13.40 -19.52 5.96
C ILE A 46 11.99 -19.35 6.52
N PRO A 47 11.81 -19.86 7.78
CA PRO A 47 10.52 -19.76 8.44
C PRO A 47 10.26 -18.34 8.94
N LEU A 48 11.24 -17.49 8.71
CA LEU A 48 11.14 -16.10 9.14
C LEU A 48 10.93 -15.20 7.92
N LEU A 49 11.95 -15.17 7.07
CA LEU A 49 11.89 -14.36 5.86
C LEU A 49 10.55 -14.58 5.17
N ARG A 50 10.17 -15.85 5.08
CA ARG A 50 8.91 -16.21 4.45
C ARG A 50 7.74 -15.53 5.16
N THR A 51 7.49 -16.00 6.38
CA THR A 51 6.40 -15.45 7.17
C THR A 51 6.32 -13.93 7.00
N GLN A 52 7.48 -13.30 7.11
CA GLN A 52 7.55 -11.86 6.96
C GLN A 52 6.90 -11.41 5.65
N PHE A 53 7.47 -11.89 4.55
CA PHE A 53 6.94 -11.55 3.23
C PHE A 53 5.42 -11.50 3.25
N PHE A 54 4.82 -12.65 3.52
CA PHE A 54 3.38 -12.76 3.56
C PHE A 54 2.75 -11.50 4.18
N ILE A 55 3.20 -11.20 5.38
CA ILE A 55 2.70 -10.03 6.09
C ILE A 55 2.98 -8.78 5.26
N VAL A 56 4.24 -8.64 4.87
CA VAL A 56 4.65 -7.49 4.07
C VAL A 56 3.63 -7.26 2.96
N MET A 57 3.50 -8.26 2.10
CA MET A 57 2.58 -8.19 0.99
C MET A 57 1.22 -7.64 1.45
N GLY A 58 0.84 -8.02 2.65
CA GLY A 58 -0.43 -7.58 3.22
C GLY A 58 -0.40 -6.08 3.51
N LEU A 59 0.61 -5.69 4.28
CA LEU A 59 0.76 -4.30 4.65
C LEU A 59 1.03 -3.46 3.39
N VAL A 60 1.41 -4.16 2.33
CA VAL A 60 1.70 -3.49 1.07
C VAL A 60 0.38 -3.06 0.41
N ASN A 61 -0.59 -3.95 0.48
CA ASN A 61 -1.90 -3.68 -0.10
C ASN A 61 -2.80 -3.03 0.96
N ALA A 62 -2.24 -2.90 2.15
CA ALA A 62 -2.98 -2.31 3.26
C ALA A 62 -2.69 -0.81 3.32
N ILE A 63 -1.45 -0.47 2.97
CA ILE A 63 -1.04 0.92 2.97
C ILE A 63 -1.97 1.73 2.07
N PRO A 64 -2.14 1.24 0.81
CA PRO A 64 -3.00 1.91 -0.14
C PRO A 64 -4.48 1.67 0.19
N MET A 65 -4.80 0.41 0.42
CA MET A 65 -6.17 0.03 0.74
C MET A 65 -6.73 0.92 1.85
N ILE A 66 -5.91 1.14 2.85
CA ILE A 66 -6.30 1.97 3.98
C ILE A 66 -6.21 3.45 3.60
N ALA A 67 -5.29 3.72 2.67
CA ALA A 67 -5.09 5.08 2.20
C ALA A 67 -6.35 5.56 1.47
N VAL A 68 -6.56 4.98 0.29
CA VAL A 68 -7.71 5.33 -0.52
C VAL A 68 -8.98 4.90 0.21
N GLY A 69 -8.84 3.86 1.01
CA GLY A 69 -9.98 3.34 1.76
C GLY A 69 -10.61 4.43 2.62
N LEU A 70 -9.77 5.10 3.39
CA LEU A 70 -10.23 6.16 4.27
C LEU A 70 -10.76 7.31 3.41
N GLY A 71 -9.90 7.81 2.53
CA GLY A 71 -10.27 8.90 1.65
C GLY A 71 -11.67 8.70 1.08
N LEU A 72 -11.91 7.49 0.59
CA LEU A 72 -13.19 7.16 0.01
C LEU A 72 -14.27 7.24 1.09
N TYR A 73 -14.12 6.40 2.10
CA TYR A 73 -15.06 6.37 3.21
C TYR A 73 -15.53 7.78 3.57
N VAL A 74 -14.58 8.70 3.58
CA VAL A 74 -14.88 10.09 3.92
C VAL A 74 -15.79 10.67 2.84
N MET A 75 -15.27 10.70 1.61
CA MET A 75 -16.03 11.23 0.49
C MET A 75 -17.47 10.73 0.51
N PHE A 76 -17.60 9.41 0.63
CA PHE A 76 -18.91 8.79 0.67
C PHE A 76 -19.69 9.22 1.93
N ALA A 77 -18.98 9.23 3.05
CA ALA A 77 -19.58 9.61 4.31
C ALA A 77 -20.35 10.92 4.13
N VAL A 78 -19.59 11.99 3.92
CA VAL A 78 -20.19 13.29 3.72
C VAL A 78 -21.10 13.26 2.51
N ALA A 79 -20.72 12.43 1.54
CA ALA A 79 -21.50 12.30 0.33
C ALA A 79 -21.04 11.05 -0.43
N MET A 1 -20.42 24.53 -8.94
CA MET A 1 -19.31 23.89 -8.26
C MET A 1 -19.76 23.25 -6.94
N GLU A 2 -20.51 22.18 -7.07
CA GLU A 2 -21.01 21.48 -5.89
C GLU A 2 -20.93 19.96 -6.10
N ASN A 3 -20.20 19.59 -7.13
CA ASN A 3 -20.04 18.17 -7.46
C ASN A 3 -19.13 18.04 -8.68
N LEU A 4 -18.07 18.83 -8.68
CA LEU A 4 -17.12 18.81 -9.78
C LEU A 4 -15.85 19.54 -9.35
N ASN A 5 -16.03 20.69 -8.73
CA ASN A 5 -14.90 21.49 -8.28
C ASN A 5 -14.19 20.76 -7.14
N MET A 6 -15.00 20.12 -6.30
CA MET A 6 -14.47 19.39 -5.16
C MET A 6 -14.17 17.94 -5.55
N ASP A 7 -14.76 17.52 -6.65
CA ASP A 7 -14.57 16.16 -7.14
C ASP A 7 -13.20 16.06 -7.82
N LEU A 8 -12.89 17.08 -8.59
CA LEU A 8 -11.62 17.13 -9.30
C LEU A 8 -10.47 17.17 -8.30
N LEU A 9 -10.50 18.21 -7.47
CA LEU A 9 -9.48 18.38 -6.45
C LEU A 9 -9.27 17.06 -5.71
N TYR A 10 -10.36 16.56 -5.13
CA TYR A 10 -10.32 15.31 -4.40
C TYR A 10 -9.58 14.24 -5.19
N MET A 11 -10.13 13.92 -6.36
CA MET A 11 -9.54 12.91 -7.22
C MET A 11 -8.04 13.16 -7.40
N ALA A 12 -7.69 14.42 -7.58
CA ALA A 12 -6.30 14.80 -7.77
C ALA A 12 -5.48 14.31 -6.57
N ALA A 13 -5.94 14.67 -5.39
CA ALA A 13 -5.27 14.28 -4.16
C ALA A 13 -5.28 12.76 -4.04
N ALA A 14 -6.48 12.22 -3.86
CA ALA A 14 -6.64 10.78 -3.73
C ALA A 14 -5.72 10.08 -4.72
N VAL A 15 -6.03 10.25 -6.00
CA VAL A 15 -5.24 9.64 -7.05
C VAL A 15 -3.75 9.73 -6.69
N MET A 16 -3.34 10.94 -6.31
CA MET A 16 -1.96 11.18 -5.94
C MET A 16 -1.53 10.24 -4.82
N MET A 17 -2.40 10.09 -3.83
CA MET A 17 -2.11 9.21 -2.71
C MET A 17 -2.02 7.75 -3.15
N GLY A 18 -2.82 7.42 -4.16
CA GLY A 18 -2.83 6.07 -4.68
C GLY A 18 -1.46 5.68 -5.25
N LEU A 19 -1.07 6.38 -6.30
CA LEU A 19 0.21 6.13 -6.94
C LEU A 19 1.31 6.11 -5.88
N ALA A 20 1.56 7.29 -5.31
CA ALA A 20 2.58 7.42 -4.29
C ALA A 20 2.53 6.20 -3.36
N ALA A 21 1.39 6.06 -2.71
CA ALA A 21 1.19 4.95 -1.79
C ALA A 21 1.75 3.67 -2.41
N ILE A 22 1.15 3.27 -3.52
CA ILE A 22 1.58 2.07 -4.21
C ILE A 22 3.11 2.05 -4.29
N GLY A 23 3.67 3.21 -4.60
CA GLY A 23 5.12 3.34 -4.71
C GLY A 23 5.81 2.75 -3.49
N ASP A 24 5.60 3.41 -2.36
CA ASP A 24 6.20 2.97 -1.11
C ASP A 24 5.74 1.55 -0.80
N ALA A 25 4.43 1.39 -0.69
CA ALA A 25 3.85 0.10 -0.40
C ALA A 25 4.58 -0.98 -1.21
N ILE A 26 5.09 -0.57 -2.36
CA ILE A 26 5.82 -1.47 -3.23
C ILE A 26 7.25 -1.67 -2.69
N GLY A 27 7.89 -0.54 -2.43
CA GLY A 27 9.25 -0.57 -1.92
C GLY A 27 9.45 -1.76 -0.98
N ILE A 28 8.50 -1.94 -0.08
CA ILE A 28 8.56 -3.04 0.87
C ILE A 28 8.21 -4.34 0.17
N GLY A 29 7.12 -4.29 -0.58
CA GLY A 29 6.65 -5.47 -1.31
C GLY A 29 7.81 -6.13 -2.07
N ILE A 30 8.49 -5.33 -2.87
CA ILE A 30 9.61 -5.83 -3.66
C ILE A 30 10.74 -6.25 -2.71
N LEU A 31 10.82 -5.55 -1.58
CA LEU A 31 11.83 -5.85 -0.58
C LEU A 31 11.70 -7.30 -0.14
N GLY A 32 10.47 -7.69 0.14
CA GLY A 32 10.20 -9.05 0.58
C GLY A 32 10.82 -10.07 -0.37
N GLY A 33 10.79 -9.74 -1.65
CA GLY A 33 11.35 -10.61 -2.67
C GLY A 33 12.88 -10.54 -2.67
N LYS A 34 13.38 -9.31 -2.54
CA LYS A 34 14.81 -9.09 -2.52
C LYS A 34 15.40 -9.60 -1.20
N PHE A 35 14.49 -10.02 -0.32
CA PHE A 35 14.90 -10.53 0.97
C PHE A 35 15.10 -12.04 0.93
N LEU A 36 14.34 -12.68 0.06
CA LEU A 36 14.41 -14.12 -0.09
C LEU A 36 15.86 -14.52 -0.36
N GLU A 37 16.46 -13.85 -1.33
CA GLU A 37 17.85 -14.12 -1.69
C GLU A 37 18.77 -13.80 -0.51
N GLY A 38 18.50 -12.68 0.13
CA GLY A 38 19.30 -12.25 1.27
C GLY A 38 19.26 -13.29 2.39
N ALA A 39 18.07 -13.82 2.63
CA ALA A 39 17.88 -14.82 3.66
C ALA A 39 18.14 -16.21 3.07
N ALA A 40 18.70 -16.21 1.87
CA ALA A 40 18.99 -17.46 1.18
C ALA A 40 20.36 -17.97 1.62
N ARG A 41 21.11 -17.08 2.25
CA ARG A 41 22.45 -17.42 2.72
C ARG A 41 22.37 -18.28 3.98
N GLN A 42 21.33 -18.00 4.77
CA GLN A 42 21.13 -18.74 6.00
C GLN A 42 19.71 -19.33 6.05
N PRO A 43 19.66 -20.68 6.19
CA PRO A 43 18.38 -21.37 6.23
C PRO A 43 17.70 -21.17 7.60
N ASP A 44 18.37 -20.41 8.45
CA ASP A 44 17.85 -20.14 9.78
C ASP A 44 17.09 -18.80 9.76
N LEU A 45 16.91 -18.30 8.55
CA LEU A 45 16.20 -17.04 8.38
C LEU A 45 15.16 -17.19 7.27
N ILE A 46 14.96 -18.43 6.85
CA ILE A 46 14.00 -18.73 5.80
C ILE A 46 12.58 -18.66 6.38
N PRO A 47 12.37 -19.41 7.50
CA PRO A 47 11.07 -19.43 8.15
C PRO A 47 10.83 -18.15 8.94
N LEU A 48 11.82 -17.26 8.88
CA LEU A 48 11.72 -15.99 9.58
C LEU A 48 11.35 -14.89 8.58
N LEU A 49 12.14 -14.79 7.52
CA LEU A 49 11.91 -13.79 6.50
C LEU A 49 10.62 -14.14 5.75
N ARG A 50 10.37 -15.43 5.60
CA ARG A 50 9.19 -15.90 4.91
C ARG A 50 7.93 -15.35 5.59
N THR A 51 7.65 -15.87 6.78
CA THR A 51 6.49 -15.44 7.53
C THR A 51 6.30 -13.92 7.41
N GLN A 52 7.39 -13.20 7.71
CA GLN A 52 7.36 -11.76 7.63
C GLN A 52 6.83 -11.30 6.28
N PHE A 53 7.56 -11.65 5.24
CA PHE A 53 7.18 -11.28 3.89
C PHE A 53 5.66 -11.36 3.71
N PHE A 54 5.13 -12.56 3.87
CA PHE A 54 3.71 -12.78 3.73
C PHE A 54 2.91 -11.60 4.30
N ILE A 55 3.13 -11.36 5.59
CA ILE A 55 2.44 -10.27 6.27
C ILE A 55 2.73 -8.95 5.54
N VAL A 56 4.01 -8.73 5.29
CA VAL A 56 4.44 -7.52 4.60
C VAL A 56 3.56 -7.31 3.37
N MET A 57 3.35 -8.39 2.63
CA MET A 57 2.53 -8.33 1.44
C MET A 57 1.15 -7.75 1.74
N GLY A 58 0.53 -8.26 2.78
CA GLY A 58 -0.79 -7.81 3.19
C GLY A 58 -0.74 -6.32 3.58
N LEU A 59 0.24 -5.99 4.39
CA LEU A 59 0.41 -4.61 4.85
C LEU A 59 0.65 -3.71 3.64
N VAL A 60 1.33 -4.27 2.66
CA VAL A 60 1.63 -3.51 1.44
C VAL A 60 0.33 -3.13 0.75
N ASN A 61 -0.61 -4.05 0.76
CA ASN A 61 -1.90 -3.83 0.13
C ASN A 61 -2.83 -3.13 1.13
N ALA A 62 -2.33 -2.98 2.35
CA ALA A 62 -3.10 -2.33 3.40
C ALA A 62 -2.79 -0.84 3.40
N ILE A 63 -1.67 -0.49 2.80
CA ILE A 63 -1.25 0.89 2.72
C ILE A 63 -2.23 1.67 1.83
N PRO A 64 -2.41 1.15 0.59
CA PRO A 64 -3.32 1.78 -0.36
C PRO A 64 -4.77 1.51 0.01
N MET A 65 -5.03 0.28 0.44
CA MET A 65 -6.37 -0.11 0.83
C MET A 65 -6.90 0.77 1.96
N ILE A 66 -6.00 1.09 2.88
CA ILE A 66 -6.36 1.91 4.02
C ILE A 66 -6.35 3.39 3.60
N ALA A 67 -5.51 3.69 2.62
CA ALA A 67 -5.41 5.04 2.11
C ALA A 67 -6.68 5.39 1.34
N VAL A 68 -6.82 4.78 0.18
CA VAL A 68 -7.99 5.03 -0.66
C VAL A 68 -9.25 4.60 0.09
N GLY A 69 -9.08 3.63 0.98
CA GLY A 69 -10.20 3.13 1.77
C GLY A 69 -10.84 4.26 2.58
N LEU A 70 -10.02 4.87 3.43
CA LEU A 70 -10.49 5.96 4.26
C LEU A 70 -11.09 7.06 3.39
N GLY A 71 -10.29 7.51 2.43
CA GLY A 71 -10.74 8.55 1.52
C GLY A 71 -12.12 8.23 0.95
N LEU A 72 -12.29 6.97 0.56
CA LEU A 72 -13.55 6.53 0.00
C LEU A 72 -14.65 6.64 1.07
N TYR A 73 -14.48 5.87 2.13
CA TYR A 73 -15.44 5.87 3.22
C TYR A 73 -15.95 7.29 3.50
N VAL A 74 -15.00 8.23 3.53
CA VAL A 74 -15.34 9.61 3.79
C VAL A 74 -16.24 10.13 2.67
N MET A 75 -15.81 9.89 1.44
CA MET A 75 -16.58 10.32 0.28
C MET A 75 -18.01 9.80 0.34
N PHE A 76 -18.13 8.48 0.41
CA PHE A 76 -19.43 7.84 0.48
C PHE A 76 -20.26 8.41 1.63
N ALA A 77 -19.62 8.49 2.79
CA ALA A 77 -20.28 9.01 3.97
C ALA A 77 -21.01 10.31 3.62
N VAL A 78 -20.23 11.35 3.36
CA VAL A 78 -20.78 12.64 3.01
C VAL A 78 -21.67 12.49 1.77
N ALA A 79 -21.13 11.77 0.79
CA ALA A 79 -21.85 11.55 -0.45
C ALA A 79 -22.85 10.40 -0.26
N MET A 1 -20.78 22.33 -6.15
CA MET A 1 -19.34 22.34 -6.32
C MET A 1 -18.68 21.27 -5.46
N GLU A 2 -19.51 20.49 -4.79
CA GLU A 2 -19.03 19.43 -3.93
C GLU A 2 -18.75 18.17 -4.75
N ASN A 3 -19.12 18.22 -6.02
CA ASN A 3 -18.92 17.10 -6.91
C ASN A 3 -18.87 17.60 -8.35
N LEU A 4 -18.50 18.86 -8.50
CA LEU A 4 -18.41 19.48 -9.82
C LEU A 4 -17.00 20.00 -10.03
N ASN A 5 -16.51 20.74 -9.04
CA ASN A 5 -15.18 21.32 -9.11
C ASN A 5 -14.27 20.58 -8.13
N MET A 6 -14.84 20.21 -6.99
CA MET A 6 -14.09 19.50 -5.97
C MET A 6 -13.67 18.10 -6.45
N ASP A 7 -14.64 17.41 -7.04
CA ASP A 7 -14.39 16.07 -7.54
C ASP A 7 -13.04 16.05 -8.27
N LEU A 8 -12.84 17.06 -9.10
CA LEU A 8 -11.60 17.17 -9.85
C LEU A 8 -10.41 17.20 -8.88
N LEU A 9 -10.38 18.25 -8.08
CA LEU A 9 -9.32 18.41 -7.10
C LEU A 9 -9.09 17.08 -6.37
N TYR A 10 -10.11 16.67 -5.63
CA TYR A 10 -10.05 15.43 -4.89
C TYR A 10 -9.30 14.36 -5.68
N MET A 11 -9.81 14.08 -6.87
CA MET A 11 -9.20 13.08 -7.73
C MET A 11 -7.68 13.25 -7.78
N ALA A 12 -7.26 14.48 -8.03
CA ALA A 12 -5.85 14.79 -8.11
C ALA A 12 -5.17 14.38 -6.80
N ALA A 13 -5.91 14.55 -5.72
CA ALA A 13 -5.39 14.21 -4.40
C ALA A 13 -5.33 12.69 -4.26
N ALA A 14 -6.50 12.09 -4.15
CA ALA A 14 -6.59 10.65 -4.01
C ALA A 14 -5.60 9.98 -4.96
N VAL A 15 -5.81 10.22 -6.25
CA VAL A 15 -4.95 9.64 -7.27
C VAL A 15 -3.49 9.76 -6.82
N MET A 16 -3.11 10.98 -6.48
CA MET A 16 -1.76 11.24 -6.03
C MET A 16 -1.38 10.35 -4.84
N MET A 17 -2.34 10.21 -3.93
CA MET A 17 -2.13 9.38 -2.75
C MET A 17 -1.94 7.92 -3.13
N GLY A 18 -2.98 7.35 -3.71
CA GLY A 18 -2.95 5.96 -4.13
C GLY A 18 -1.61 5.62 -4.79
N LEU A 19 -1.16 6.54 -5.63
CA LEU A 19 0.11 6.35 -6.33
C LEU A 19 1.23 6.17 -5.32
N ALA A 20 1.55 7.26 -4.63
CA ALA A 20 2.61 7.24 -3.62
C ALA A 20 2.45 5.98 -2.77
N ALA A 21 1.30 5.89 -2.12
CA ALA A 21 1.02 4.74 -1.26
C ALA A 21 1.49 3.46 -1.96
N ILE A 22 1.00 3.27 -3.18
CA ILE A 22 1.37 2.10 -3.95
C ILE A 22 2.89 1.96 -3.98
N GLY A 23 3.55 3.09 -4.23
CA GLY A 23 5.00 3.10 -4.28
C GLY A 23 5.61 2.41 -3.06
N ASP A 24 5.37 2.99 -1.90
CA ASP A 24 5.87 2.44 -0.66
C ASP A 24 5.41 0.99 -0.52
N ALA A 25 4.09 0.83 -0.47
CA ALA A 25 3.50 -0.49 -0.33
C ALA A 25 4.25 -1.47 -1.23
N ILE A 26 4.79 -0.94 -2.31
CA ILE A 26 5.54 -1.75 -3.26
C ILE A 26 6.94 -2.00 -2.70
N GLY A 27 7.60 -0.92 -2.31
CA GLY A 27 8.94 -1.02 -1.76
C GLY A 27 9.11 -2.30 -0.94
N ILE A 28 8.11 -2.57 -0.11
CA ILE A 28 8.14 -3.74 0.74
C ILE A 28 7.81 -4.98 -0.10
N GLY A 29 6.74 -4.87 -0.87
CA GLY A 29 6.31 -5.97 -1.73
C GLY A 29 7.49 -6.57 -2.48
N ILE A 30 8.25 -5.68 -3.11
CA ILE A 30 9.42 -6.11 -3.88
C ILE A 30 10.49 -6.62 -2.92
N LEU A 31 10.52 -6.02 -1.73
CA LEU A 31 11.48 -6.40 -0.71
C LEU A 31 11.27 -7.87 -0.34
N GLY A 32 10.01 -8.26 -0.28
CA GLY A 32 9.66 -9.63 0.06
C GLY A 32 10.39 -10.62 -0.85
N GLY A 33 10.51 -10.24 -2.11
CA GLY A 33 11.18 -11.08 -3.09
C GLY A 33 12.70 -10.88 -3.05
N LYS A 34 13.08 -9.65 -2.74
CA LYS A 34 14.48 -9.30 -2.67
C LYS A 34 15.07 -9.84 -1.37
N PHE A 35 14.21 -10.46 -0.58
CA PHE A 35 14.62 -11.03 0.69
C PHE A 35 15.04 -12.49 0.53
N LEU A 36 14.39 -13.16 -0.41
CA LEU A 36 14.68 -14.55 -0.68
C LEU A 36 16.19 -14.78 -0.58
N GLU A 37 16.93 -13.76 -0.99
CA GLU A 37 18.38 -13.84 -0.95
C GLU A 37 18.93 -13.09 0.26
N GLY A 38 18.38 -11.91 0.48
CA GLY A 38 18.81 -11.09 1.60
C GLY A 38 18.75 -11.87 2.91
N ALA A 39 17.92 -12.90 2.91
CA ALA A 39 17.77 -13.75 4.10
C ALA A 39 18.67 -14.98 3.95
N ALA A 40 18.96 -15.31 2.70
CA ALA A 40 19.80 -16.46 2.41
C ALA A 40 21.08 -16.38 3.25
N ARG A 41 21.47 -15.15 3.56
CA ARG A 41 22.66 -14.91 4.34
C ARG A 41 22.62 -15.73 5.63
N GLN A 42 21.41 -15.87 6.16
CA GLN A 42 21.22 -16.63 7.39
C GLN A 42 20.21 -17.75 7.16
N PRO A 43 20.66 -19.00 7.48
CA PRO A 43 19.79 -20.16 7.31
C PRO A 43 18.75 -20.22 8.42
N ASP A 44 18.82 -19.25 9.32
CA ASP A 44 17.88 -19.19 10.42
C ASP A 44 16.77 -18.19 10.09
N LEU A 45 16.71 -17.83 8.82
CA LEU A 45 15.70 -16.89 8.35
C LEU A 45 14.96 -17.48 7.16
N ILE A 46 14.97 -18.80 7.09
CA ILE A 46 14.30 -19.50 6.00
C ILE A 46 12.79 -19.46 6.22
N PRO A 47 12.37 -19.88 7.44
CA PRO A 47 10.96 -19.88 7.79
C PRO A 47 10.45 -18.46 8.05
N LEU A 48 11.40 -17.57 8.31
CA LEU A 48 11.05 -16.18 8.58
C LEU A 48 10.92 -15.42 7.26
N LEU A 49 11.65 -15.91 6.26
CA LEU A 49 11.61 -15.29 4.95
C LEU A 49 10.15 -15.16 4.49
N ARG A 50 9.58 -16.30 4.15
CA ARG A 50 8.19 -16.33 3.69
C ARG A 50 7.29 -15.56 4.67
N THR A 51 7.30 -16.03 5.91
CA THR A 51 6.49 -15.40 6.94
C THR A 51 6.49 -13.87 6.77
N GLN A 52 7.67 -13.34 6.56
CA GLN A 52 7.83 -11.90 6.37
C GLN A 52 7.08 -11.45 5.12
N PHE A 53 7.40 -12.09 4.01
CA PHE A 53 6.77 -11.75 2.75
C PHE A 53 5.24 -11.70 2.90
N PHE A 54 4.66 -12.85 3.22
CA PHE A 54 3.23 -12.93 3.39
C PHE A 54 2.68 -11.67 4.06
N ILE A 55 3.22 -11.38 5.23
CA ILE A 55 2.79 -10.20 5.97
C ILE A 55 2.96 -8.97 5.11
N VAL A 56 4.16 -8.83 4.54
CA VAL A 56 4.46 -7.70 3.68
C VAL A 56 3.37 -7.54 2.62
N MET A 57 3.29 -8.54 1.76
CA MET A 57 2.29 -8.53 0.69
C MET A 57 0.95 -8.04 1.22
N GLY A 58 0.71 -8.30 2.49
CA GLY A 58 -0.53 -7.90 3.13
C GLY A 58 -0.54 -6.40 3.41
N LEU A 59 0.59 -5.92 3.92
CA LEU A 59 0.72 -4.51 4.24
C LEU A 59 0.97 -3.72 2.96
N VAL A 60 1.18 -4.45 1.88
CA VAL A 60 1.42 -3.84 0.59
C VAL A 60 0.09 -3.52 -0.09
N ASN A 61 -0.84 -4.46 0.05
CA ASN A 61 -2.16 -4.31 -0.54
C ASN A 61 -3.08 -3.62 0.47
N ALA A 62 -2.65 -3.63 1.72
CA ALA A 62 -3.43 -3.02 2.79
C ALA A 62 -3.07 -1.53 2.88
N ILE A 63 -1.77 -1.26 2.80
CA ILE A 63 -1.30 0.11 2.88
C ILE A 63 -2.26 1.03 2.11
N PRO A 64 -2.52 0.63 0.83
CA PRO A 64 -3.41 1.41 -0.02
C PRO A 64 -4.87 1.20 0.39
N MET A 65 -5.18 -0.05 0.72
CA MET A 65 -6.53 -0.40 1.12
C MET A 65 -7.06 0.56 2.19
N ILE A 66 -6.29 0.67 3.27
CA ILE A 66 -6.66 1.54 4.36
C ILE A 66 -6.51 3.00 3.91
N ALA A 67 -5.56 3.22 3.02
CA ALA A 67 -5.29 4.56 2.52
C ALA A 67 -6.56 5.10 1.85
N VAL A 68 -6.87 4.52 0.70
CA VAL A 68 -8.05 4.94 -0.05
C VAL A 68 -9.31 4.64 0.78
N GLY A 69 -9.20 3.61 1.60
CA GLY A 69 -10.31 3.20 2.45
C GLY A 69 -10.80 4.38 3.30
N LEU A 70 -9.87 4.98 4.01
CA LEU A 70 -10.19 6.11 4.87
C LEU A 70 -10.68 7.27 4.00
N GLY A 71 -9.85 7.65 3.04
CA GLY A 71 -10.19 8.75 2.14
C GLY A 71 -11.65 8.62 1.66
N LEU A 72 -12.01 7.40 1.30
CA LEU A 72 -13.36 7.14 0.82
C LEU A 72 -14.36 7.35 1.97
N TYR A 73 -14.22 6.53 2.99
CA TYR A 73 -15.09 6.62 4.15
C TYR A 73 -15.41 8.08 4.47
N VAL A 74 -14.40 8.92 4.38
CA VAL A 74 -14.57 10.33 4.65
C VAL A 74 -15.45 10.96 3.58
N MET A 75 -15.10 10.70 2.33
CA MET A 75 -15.86 11.23 1.21
C MET A 75 -17.32 10.82 1.30
N PHE A 76 -17.53 9.51 1.34
CA PHE A 76 -18.89 8.98 1.42
C PHE A 76 -19.62 9.50 2.66
N ALA A 77 -18.95 9.37 3.79
CA ALA A 77 -19.53 9.83 5.05
C ALA A 77 -20.23 11.17 4.82
N VAL A 78 -19.43 12.18 4.48
CA VAL A 78 -19.96 13.51 4.23
C VAL A 78 -20.92 13.45 3.04
N ALA A 79 -20.52 12.68 2.03
CA ALA A 79 -21.33 12.53 0.84
C ALA A 79 -21.91 13.89 0.45
N MET A 1 -22.66 17.74 -14.22
CA MET A 1 -21.87 17.73 -13.01
C MET A 1 -21.18 19.08 -12.78
N GLU A 2 -21.91 19.96 -12.11
CA GLU A 2 -21.37 21.29 -11.83
C GLU A 2 -20.41 21.24 -10.64
N ASN A 3 -20.58 20.21 -9.83
CA ASN A 3 -19.75 20.03 -8.66
C ASN A 3 -18.49 19.24 -9.05
N LEU A 4 -18.45 18.84 -10.31
CA LEU A 4 -17.31 18.09 -10.82
C LEU A 4 -16.02 18.72 -10.31
N ASN A 5 -15.99 20.05 -10.32
CA ASN A 5 -14.83 20.77 -9.85
C ASN A 5 -14.30 20.11 -8.58
N MET A 6 -15.22 19.62 -7.77
CA MET A 6 -14.87 18.96 -6.52
C MET A 6 -14.04 17.70 -6.78
N ASP A 7 -14.72 16.70 -7.33
CA ASP A 7 -14.06 15.44 -7.63
C ASP A 7 -12.77 15.71 -8.40
N LEU A 8 -12.72 16.87 -9.04
CA LEU A 8 -11.56 17.26 -9.82
C LEU A 8 -10.34 17.29 -8.89
N LEU A 9 -10.43 18.13 -7.87
CA LEU A 9 -9.34 18.26 -6.92
C LEU A 9 -9.33 17.05 -5.98
N TYR A 10 -10.51 16.73 -5.47
CA TYR A 10 -10.64 15.59 -4.57
C TYR A 10 -9.99 14.34 -5.17
N MET A 11 -10.08 14.23 -6.48
CA MET A 11 -9.51 13.10 -7.19
C MET A 11 -7.98 13.16 -7.18
N ALA A 12 -7.46 14.26 -7.69
CA ALA A 12 -6.02 14.46 -7.74
C ALA A 12 -5.42 14.22 -6.35
N ALA A 13 -6.27 14.34 -5.35
CA ALA A 13 -5.85 14.15 -3.97
C ALA A 13 -5.70 12.65 -3.70
N ALA A 14 -6.84 12.00 -3.47
CA ALA A 14 -6.85 10.58 -3.19
C ALA A 14 -5.91 9.87 -4.18
N VAL A 15 -6.13 10.14 -5.46
CA VAL A 15 -5.32 9.54 -6.50
C VAL A 15 -3.84 9.64 -6.12
N MET A 16 -3.42 10.87 -5.83
CA MET A 16 -2.04 11.12 -5.46
C MET A 16 -1.62 10.20 -4.30
N MET A 17 -2.51 10.10 -3.32
CA MET A 17 -2.26 9.27 -2.16
C MET A 17 -2.08 7.80 -2.55
N GLY A 18 -2.97 7.35 -3.41
CA GLY A 18 -2.93 5.97 -3.88
C GLY A 18 -1.60 5.67 -4.59
N LEU A 19 -1.19 6.62 -5.42
CA LEU A 19 0.04 6.48 -6.17
C LEU A 19 1.22 6.40 -5.19
N ALA A 20 1.48 7.52 -4.54
CA ALA A 20 2.56 7.60 -3.57
C ALA A 20 2.51 6.38 -2.65
N ALA A 21 1.40 6.26 -1.94
CA ALA A 21 1.21 5.15 -1.02
C ALA A 21 1.64 3.85 -1.70
N ILE A 22 1.04 3.61 -2.87
CA ILE A 22 1.34 2.41 -3.63
C ILE A 22 2.86 2.30 -3.80
N GLY A 23 3.49 3.44 -3.99
CA GLY A 23 4.94 3.49 -4.17
C GLY A 23 5.65 2.84 -2.99
N ASP A 24 5.48 3.46 -1.83
CA ASP A 24 6.11 2.96 -0.61
C ASP A 24 5.66 1.52 -0.38
N ALA A 25 4.35 1.36 -0.24
CA ALA A 25 3.78 0.04 -0.01
C ALA A 25 4.48 -0.98 -0.90
N ILE A 26 4.96 -0.50 -2.04
CA ILE A 26 5.65 -1.36 -2.99
C ILE A 26 7.09 -1.58 -2.51
N GLY A 27 7.76 -0.47 -2.21
CA GLY A 27 9.14 -0.55 -1.75
C GLY A 27 9.36 -1.77 -0.87
N ILE A 28 8.42 -2.01 0.03
CA ILE A 28 8.50 -3.15 0.92
C ILE A 28 8.13 -4.42 0.17
N GLY A 29 6.99 -4.37 -0.50
CA GLY A 29 6.52 -5.50 -1.27
C GLY A 29 7.65 -6.13 -2.07
N ILE A 30 8.33 -5.29 -2.84
CA ILE A 30 9.44 -5.75 -3.67
C ILE A 30 10.58 -6.21 -2.75
N LEU A 31 10.69 -5.55 -1.62
CA LEU A 31 11.73 -5.87 -0.66
C LEU A 31 11.63 -7.35 -0.28
N GLY A 32 10.40 -7.77 0.02
CA GLY A 32 10.16 -9.15 0.39
C GLY A 32 10.80 -10.11 -0.61
N GLY A 33 10.75 -9.74 -1.87
CA GLY A 33 11.33 -10.54 -2.92
C GLY A 33 12.85 -10.40 -2.97
N LYS A 34 13.30 -9.16 -2.75
CA LYS A 34 14.72 -8.86 -2.77
C LYS A 34 15.35 -9.35 -1.46
N PHE A 35 14.50 -9.88 -0.60
CA PHE A 35 14.96 -10.38 0.69
C PHE A 35 15.17 -11.89 0.64
N LEU A 36 14.27 -12.57 -0.06
CA LEU A 36 14.34 -14.01 -0.19
C LEU A 36 15.77 -14.41 -0.54
N GLU A 37 16.25 -13.86 -1.65
CA GLU A 37 17.59 -14.14 -2.11
C GLU A 37 18.62 -13.71 -1.06
N GLY A 38 18.27 -12.65 -0.35
CA GLY A 38 19.15 -12.13 0.68
C GLY A 38 19.23 -13.08 1.88
N ALA A 39 18.07 -13.54 2.31
CA ALA A 39 17.99 -14.46 3.43
C ALA A 39 18.41 -15.85 2.97
N ALA A 40 18.43 -16.03 1.66
CA ALA A 40 18.80 -17.30 1.08
C ALA A 40 20.20 -17.70 1.58
N ARG A 41 20.91 -16.70 2.08
CA ARG A 41 22.25 -16.93 2.58
C ARG A 41 22.21 -17.83 3.83
N GLN A 42 21.15 -17.65 4.59
CA GLN A 42 20.97 -18.44 5.81
C GLN A 42 19.70 -19.30 5.71
N PRO A 43 19.92 -20.65 5.76
CA PRO A 43 18.82 -21.58 5.68
C PRO A 43 18.03 -21.61 6.98
N ASP A 44 18.50 -20.84 7.94
CA ASP A 44 17.85 -20.78 9.24
C ASP A 44 17.02 -19.49 9.33
N LEU A 45 16.84 -18.86 8.17
CA LEU A 45 16.07 -17.63 8.10
C LEU A 45 15.06 -17.73 6.96
N ILE A 46 14.82 -18.96 6.53
CA ILE A 46 13.88 -19.20 5.44
C ILE A 46 12.45 -19.05 5.97
N PRO A 47 12.17 -19.78 7.10
CA PRO A 47 10.86 -19.74 7.70
C PRO A 47 10.64 -18.43 8.46
N LEU A 48 11.66 -17.58 8.41
CA LEU A 48 11.60 -16.30 9.09
C LEU A 48 11.27 -15.20 8.07
N LEU A 49 12.19 -15.04 7.12
CA LEU A 49 12.01 -14.03 6.09
C LEU A 49 10.68 -14.26 5.38
N ARG A 50 10.25 -15.52 5.40
CA ARG A 50 8.99 -15.89 4.77
C ARG A 50 7.81 -15.35 5.57
N THR A 51 7.80 -15.68 6.86
CA THR A 51 6.74 -15.25 7.75
C THR A 51 6.59 -13.73 7.68
N GLN A 52 7.71 -13.05 7.93
CA GLN A 52 7.71 -11.59 7.91
C GLN A 52 7.23 -11.08 6.55
N PHE A 53 7.74 -11.71 5.50
CA PHE A 53 7.38 -11.34 4.15
C PHE A 53 5.86 -11.38 3.95
N PHE A 54 5.29 -12.52 4.31
CA PHE A 54 3.85 -12.70 4.18
C PHE A 54 3.09 -11.49 4.72
N ILE A 55 3.40 -11.15 5.97
CA ILE A 55 2.76 -10.01 6.61
C ILE A 55 3.02 -8.74 5.78
N VAL A 56 4.29 -8.56 5.44
CA VAL A 56 4.69 -7.40 4.66
C VAL A 56 3.74 -7.25 3.46
N MET A 57 3.54 -8.36 2.76
CA MET A 57 2.67 -8.36 1.60
C MET A 57 1.30 -7.77 1.94
N GLY A 58 0.76 -8.21 3.06
CA GLY A 58 -0.54 -7.74 3.51
C GLY A 58 -0.49 -6.24 3.83
N LEU A 59 0.56 -5.86 4.55
CA LEU A 59 0.74 -4.46 4.94
C LEU A 59 0.89 -3.61 3.68
N VAL A 60 1.50 -4.21 2.67
CA VAL A 60 1.72 -3.52 1.41
C VAL A 60 0.36 -3.19 0.77
N ASN A 61 -0.56 -4.12 0.91
CA ASN A 61 -1.90 -3.94 0.36
C ASN A 61 -2.80 -3.30 1.41
N ALA A 62 -2.23 -3.08 2.58
CA ALA A 62 -2.96 -2.48 3.68
C ALA A 62 -2.74 -0.96 3.65
N ILE A 63 -1.52 -0.57 3.37
CA ILE A 63 -1.17 0.85 3.32
C ILE A 63 -2.14 1.56 2.38
N PRO A 64 -2.29 0.98 1.16
CA PRO A 64 -3.18 1.56 0.16
C PRO A 64 -4.65 1.29 0.51
N MET A 65 -4.94 0.02 0.74
CA MET A 65 -6.29 -0.39 1.09
C MET A 65 -6.88 0.53 2.15
N ILE A 66 -6.04 0.90 3.10
CA ILE A 66 -6.46 1.78 4.18
C ILE A 66 -6.41 3.23 3.71
N ALA A 67 -5.50 3.48 2.78
CA ALA A 67 -5.33 4.82 2.24
C ALA A 67 -6.60 5.22 1.47
N VAL A 68 -6.81 4.54 0.35
CA VAL A 68 -7.98 4.82 -0.47
C VAL A 68 -9.24 4.40 0.29
N GLY A 69 -9.06 3.46 1.20
CA GLY A 69 -10.17 2.97 2.00
C GLY A 69 -10.84 4.12 2.77
N LEU A 70 -10.03 4.84 3.53
CA LEU A 70 -10.53 5.95 4.32
C LEU A 70 -11.07 7.03 3.38
N GLY A 71 -10.21 7.49 2.50
CA GLY A 71 -10.59 8.51 1.54
C GLY A 71 -11.99 8.26 0.98
N LEU A 72 -12.23 7.01 0.62
CA LEU A 72 -13.52 6.62 0.08
C LEU A 72 -14.59 6.81 1.15
N TYR A 73 -14.44 6.06 2.24
CA TYR A 73 -15.38 6.14 3.34
C TYR A 73 -15.82 7.58 3.58
N VAL A 74 -14.85 8.47 3.59
CA VAL A 74 -15.12 9.88 3.81
C VAL A 74 -16.05 10.40 2.71
N MET A 75 -15.55 10.35 1.48
CA MET A 75 -16.32 10.80 0.33
C MET A 75 -17.79 10.37 0.46
N PHE A 76 -17.97 9.07 0.65
CA PHE A 76 -19.31 8.53 0.79
C PHE A 76 -20.02 9.11 2.01
N ALA A 77 -19.32 9.09 3.13
CA ALA A 77 -19.86 9.60 4.37
C ALA A 77 -20.53 10.96 4.10
N VAL A 78 -19.73 11.88 3.56
CA VAL A 78 -20.23 13.20 3.25
C VAL A 78 -21.16 13.13 2.04
N ALA A 79 -20.83 12.23 1.13
CA ALA A 79 -21.63 12.04 -0.06
C ALA A 79 -21.10 10.85 -0.86
N MET A 1 -20.93 23.97 -7.43
CA MET A 1 -19.96 22.92 -7.63
C MET A 1 -19.67 22.16 -6.33
N GLU A 2 -20.50 21.15 -6.08
CA GLU A 2 -20.35 20.35 -4.89
C GLU A 2 -20.44 18.86 -5.23
N ASN A 3 -20.40 18.58 -6.54
CA ASN A 3 -20.47 17.21 -7.01
C ASN A 3 -19.99 17.16 -8.46
N LEU A 4 -19.08 18.06 -8.79
CA LEU A 4 -18.53 18.13 -10.13
C LEU A 4 -17.05 18.49 -10.05
N ASN A 5 -16.79 19.63 -9.43
CA ASN A 5 -15.42 20.12 -9.28
C ASN A 5 -14.79 19.47 -8.05
N MET A 6 -15.56 19.44 -6.97
CA MET A 6 -15.08 18.86 -5.73
C MET A 6 -14.57 17.43 -5.95
N ASP A 7 -15.48 16.57 -6.38
CA ASP A 7 -15.14 15.18 -6.64
C ASP A 7 -13.90 15.13 -7.54
N LEU A 8 -13.92 15.94 -8.58
CA LEU A 8 -12.81 16.00 -9.51
C LEU A 8 -11.51 16.22 -8.74
N LEU A 9 -11.37 17.44 -8.23
CA LEU A 9 -10.18 17.80 -7.46
C LEU A 9 -9.79 16.62 -6.55
N TYR A 10 -10.76 16.17 -5.79
CA TYR A 10 -10.53 15.05 -4.87
C TYR A 10 -9.78 13.91 -5.58
N MET A 11 -10.39 13.42 -6.65
CA MET A 11 -9.79 12.34 -7.41
C MET A 11 -8.29 12.56 -7.59
N ALA A 12 -7.95 13.78 -8.00
CA ALA A 12 -6.56 14.13 -8.21
C ALA A 12 -5.76 13.86 -6.93
N ALA A 13 -6.29 14.36 -5.83
CA ALA A 13 -5.64 14.18 -4.55
C ALA A 13 -5.51 12.68 -4.24
N ALA A 14 -6.64 12.07 -3.94
CA ALA A 14 -6.67 10.65 -3.63
C ALA A 14 -5.73 9.92 -4.58
N VAL A 15 -6.07 9.96 -5.87
CA VAL A 15 -5.27 9.30 -6.88
C VAL A 15 -3.79 9.52 -6.57
N MET A 16 -3.43 10.78 -6.42
CA MET A 16 -2.06 11.15 -6.13
C MET A 16 -1.52 10.36 -4.93
N MET A 17 -2.31 10.36 -3.87
CA MET A 17 -1.93 9.65 -2.66
C MET A 17 -1.64 8.18 -2.94
N GLY A 18 -2.56 7.57 -3.68
CA GLY A 18 -2.41 6.16 -4.02
C GLY A 18 -1.04 5.90 -4.65
N LEU A 19 -0.59 6.87 -5.44
CA LEU A 19 0.70 6.75 -6.09
C LEU A 19 1.80 6.66 -5.05
N ALA A 20 2.02 7.79 -4.37
CA ALA A 20 3.04 7.86 -3.33
C ALA A 20 2.98 6.59 -2.48
N ALA A 21 1.81 6.36 -1.90
CA ALA A 21 1.60 5.20 -1.06
C ALA A 21 2.15 3.97 -1.76
N ILE A 22 1.56 3.66 -2.91
CA ILE A 22 1.99 2.51 -3.69
C ILE A 22 3.52 2.46 -3.73
N GLY A 23 4.11 3.62 -4.00
CA GLY A 23 5.55 3.73 -4.07
C GLY A 23 6.21 3.05 -2.87
N ASP A 24 6.00 3.65 -1.70
CA ASP A 24 6.57 3.13 -0.47
C ASP A 24 6.11 1.68 -0.29
N ALA A 25 4.80 1.51 -0.22
CA ALA A 25 4.22 0.19 -0.05
C ALA A 25 4.99 -0.82 -0.92
N ILE A 26 5.52 -0.31 -2.02
CA ILE A 26 6.28 -1.14 -2.94
C ILE A 26 7.69 -1.36 -2.38
N GLY A 27 8.32 -0.26 -2.03
CA GLY A 27 9.67 -0.32 -1.49
C GLY A 27 9.86 -1.56 -0.62
N ILE A 28 8.86 -1.82 0.21
CA ILE A 28 8.91 -2.97 1.10
C ILE A 28 8.62 -4.23 0.30
N GLY A 29 7.52 -4.18 -0.45
CA GLY A 29 7.11 -5.31 -1.26
C GLY A 29 8.30 -5.89 -2.03
N ILE A 30 8.99 -5.02 -2.74
CA ILE A 30 10.14 -5.43 -3.52
C ILE A 30 11.25 -5.89 -2.57
N LEU A 31 11.29 -5.28 -1.40
CA LEU A 31 12.29 -5.62 -0.40
C LEU A 31 12.16 -7.11 -0.05
N GLY A 32 10.92 -7.52 0.17
CA GLY A 32 10.66 -8.91 0.51
C GLY A 32 11.34 -9.86 -0.47
N GLY A 33 11.31 -9.47 -1.75
CA GLY A 33 11.93 -10.27 -2.79
C GLY A 33 13.46 -10.19 -2.72
N LYS A 34 13.93 -8.96 -2.53
CA LYS A 34 15.36 -8.73 -2.45
C LYS A 34 15.91 -9.34 -1.15
N PHE A 35 14.98 -9.79 -0.32
CA PHE A 35 15.35 -10.40 0.95
C PHE A 35 15.45 -11.92 0.83
N LEU A 36 14.63 -12.46 -0.06
CA LEU A 36 14.61 -13.89 -0.29
C LEU A 36 16.02 -14.36 -0.65
N GLU A 37 16.56 -13.75 -1.70
CA GLU A 37 17.90 -14.09 -2.15
C GLU A 37 18.90 -13.99 -1.00
N GLY A 38 18.77 -12.92 -0.24
CA GLY A 38 19.65 -12.70 0.90
C GLY A 38 19.48 -13.80 1.94
N ALA A 39 18.23 -14.06 2.28
CA ALA A 39 17.92 -15.09 3.27
C ALA A 39 18.03 -16.47 2.61
N ALA A 40 18.33 -16.46 1.33
CA ALA A 40 18.47 -17.70 0.58
C ALA A 40 19.69 -18.46 1.09
N ARG A 41 20.52 -17.75 1.85
CA ARG A 41 21.72 -18.35 2.41
C ARG A 41 21.49 -18.76 3.86
N GLN A 42 20.29 -18.46 4.34
CA GLN A 42 19.93 -18.78 5.72
C GLN A 42 18.81 -19.81 5.75
N PRO A 43 19.20 -21.08 6.02
CA PRO A 43 18.24 -22.16 6.07
C PRO A 43 17.42 -22.11 7.36
N ASP A 44 17.72 -21.11 8.17
CA ASP A 44 17.03 -20.93 9.43
C ASP A 44 16.34 -19.56 9.45
N LEU A 45 16.28 -18.96 8.26
CA LEU A 45 15.66 -17.65 8.12
C LEU A 45 14.72 -17.67 6.93
N ILE A 46 14.46 -18.87 6.44
CA ILE A 46 13.58 -19.04 5.30
C ILE A 46 12.13 -18.88 5.75
N PRO A 47 11.77 -19.67 6.81
CA PRO A 47 10.43 -19.63 7.36
C PRO A 47 10.21 -18.37 8.19
N LEU A 48 11.27 -17.58 8.30
CA LEU A 48 11.21 -16.35 9.07
C LEU A 48 10.98 -15.18 8.11
N LEU A 49 11.97 -14.96 7.26
CA LEU A 49 11.89 -13.87 6.29
C LEU A 49 10.63 -14.05 5.43
N ARG A 50 10.21 -15.31 5.31
CA ARG A 50 9.03 -15.62 4.52
C ARG A 50 7.76 -15.22 5.27
N THR A 51 7.52 -15.90 6.38
CA THR A 51 6.36 -15.63 7.21
C THR A 51 6.18 -14.12 7.37
N GLN A 52 7.29 -13.44 7.58
CA GLN A 52 7.27 -12.00 7.75
C GLN A 52 6.87 -11.31 6.45
N PHE A 53 7.55 -11.69 5.38
CA PHE A 53 7.27 -11.12 4.08
C PHE A 53 5.77 -11.17 3.76
N PHE A 54 5.17 -12.32 4.06
CA PHE A 54 3.75 -12.50 3.81
C PHE A 54 2.93 -11.44 4.54
N ILE A 55 3.15 -11.35 5.84
CA ILE A 55 2.44 -10.38 6.66
C ILE A 55 2.77 -8.97 6.18
N VAL A 56 3.99 -8.83 5.66
CA VAL A 56 4.44 -7.54 5.16
C VAL A 56 3.67 -7.19 3.90
N MET A 57 3.40 -8.21 3.10
CA MET A 57 2.67 -8.03 1.85
C MET A 57 1.29 -7.43 2.11
N GLY A 58 0.60 -8.01 3.07
CA GLY A 58 -0.74 -7.54 3.42
C GLY A 58 -0.69 -6.09 3.91
N LEU A 59 0.00 -5.90 5.03
CA LEU A 59 0.12 -4.58 5.62
C LEU A 59 0.50 -3.58 4.53
N VAL A 60 1.45 -3.98 3.69
CA VAL A 60 1.91 -3.13 2.61
C VAL A 60 0.71 -2.74 1.73
N ASN A 61 -0.09 -3.74 1.40
CA ASN A 61 -1.26 -3.52 0.57
C ASN A 61 -2.35 -2.85 1.41
N ALA A 62 -2.04 -2.67 2.69
CA ALA A 62 -2.99 -2.05 3.61
C ALA A 62 -2.75 -0.54 3.62
N ILE A 63 -1.53 -0.16 3.30
CA ILE A 63 -1.16 1.25 3.28
C ILE A 63 -2.07 1.98 2.29
N PRO A 64 -2.09 1.47 1.04
CA PRO A 64 -2.91 2.07 -0.01
C PRO A 64 -4.39 1.73 0.21
N MET A 65 -4.65 0.46 0.45
CA MET A 65 -6.01 0.00 0.66
C MET A 65 -6.71 0.83 1.75
N ILE A 66 -5.93 1.17 2.77
CA ILE A 66 -6.47 1.96 3.87
C ILE A 66 -6.44 3.44 3.49
N ALA A 67 -5.50 3.78 2.61
CA ALA A 67 -5.35 5.15 2.17
C ALA A 67 -6.59 5.55 1.36
N VAL A 68 -6.76 4.88 0.24
CA VAL A 68 -7.91 5.15 -0.63
C VAL A 68 -9.20 4.98 0.17
N GLY A 69 -9.38 3.77 0.70
CA GLY A 69 -10.56 3.48 1.48
C GLY A 69 -10.97 4.67 2.35
N LEU A 70 -9.96 5.31 2.93
CA LEU A 70 -10.20 6.47 3.79
C LEU A 70 -10.75 7.61 2.93
N GLY A 71 -10.03 7.90 1.86
CA GLY A 71 -10.44 8.98 0.96
C GLY A 71 -11.86 8.75 0.45
N LEU A 72 -12.07 7.57 -0.13
CA LEU A 72 -13.37 7.23 -0.67
C LEU A 72 -14.41 7.27 0.46
N TYR A 73 -14.01 6.74 1.61
CA TYR A 73 -14.89 6.72 2.76
C TYR A 73 -15.35 8.13 3.13
N VAL A 74 -14.41 9.05 3.07
CA VAL A 74 -14.70 10.44 3.40
C VAL A 74 -15.82 10.95 2.49
N MET A 75 -15.69 10.65 1.21
CA MET A 75 -16.67 11.05 0.23
C MET A 75 -18.06 10.51 0.58
N PHE A 76 -18.11 9.21 0.81
CA PHE A 76 -19.36 8.56 1.17
C PHE A 76 -19.88 9.06 2.51
N ALA A 77 -18.94 9.39 3.40
CA ALA A 77 -19.29 9.88 4.72
C ALA A 77 -20.22 11.09 4.57
N VAL A 78 -19.68 12.13 3.95
CA VAL A 78 -20.45 13.35 3.74
C VAL A 78 -21.55 13.09 2.71
N ALA A 79 -21.38 12.01 1.96
CA ALA A 79 -22.34 11.64 0.94
C ALA A 79 -22.38 12.73 -0.14
N MET A 1 -19.07 26.53 -9.39
CA MET A 1 -18.66 25.15 -9.23
C MET A 1 -18.13 24.89 -7.83
N GLU A 2 -19.00 24.33 -6.99
CA GLU A 2 -18.64 24.03 -5.63
C GLU A 2 -18.66 22.51 -5.39
N ASN A 3 -19.09 21.80 -6.42
CA ASN A 3 -19.17 20.35 -6.34
C ASN A 3 -18.68 19.75 -7.66
N LEU A 4 -18.01 20.59 -8.45
CA LEU A 4 -17.49 20.15 -9.73
C LEU A 4 -15.96 20.17 -9.69
N ASN A 5 -15.43 21.31 -9.27
CA ASN A 5 -13.99 21.48 -9.18
C ASN A 5 -13.44 20.52 -8.13
N MET A 6 -14.08 20.53 -6.97
CA MET A 6 -13.67 19.67 -5.88
C MET A 6 -13.40 18.25 -6.37
N ASP A 7 -14.37 17.71 -7.09
CA ASP A 7 -14.26 16.36 -7.62
C ASP A 7 -12.87 16.18 -8.24
N LEU A 8 -12.49 17.13 -9.08
CA LEU A 8 -11.20 17.09 -9.73
C LEU A 8 -10.10 17.02 -8.67
N LEU A 9 -9.99 18.09 -7.91
CA LEU A 9 -8.98 18.18 -6.86
C LEU A 9 -8.89 16.83 -6.15
N TYR A 10 -9.97 16.49 -5.46
CA TYR A 10 -10.03 15.22 -4.73
C TYR A 10 -9.32 14.11 -5.51
N MET A 11 -9.83 13.88 -6.72
CA MET A 11 -9.27 12.84 -7.57
C MET A 11 -7.73 12.87 -7.54
N ALA A 12 -7.20 14.06 -7.77
CA ALA A 12 -5.75 14.25 -7.77
C ALA A 12 -5.19 13.81 -6.41
N ALA A 13 -5.83 14.30 -5.36
CA ALA A 13 -5.40 13.96 -4.00
C ALA A 13 -5.43 12.45 -3.83
N ALA A 14 -6.64 11.92 -3.70
CA ALA A 14 -6.82 10.49 -3.53
C ALA A 14 -5.83 9.75 -4.42
N VAL A 15 -6.02 9.90 -5.72
CA VAL A 15 -5.16 9.25 -6.68
C VAL A 15 -3.70 9.30 -6.19
N MET A 16 -3.27 10.52 -5.89
CA MET A 16 -1.91 10.73 -5.40
C MET A 16 -1.62 9.84 -4.18
N MET A 17 -2.58 9.83 -3.27
CA MET A 17 -2.45 9.04 -2.06
C MET A 17 -2.35 7.55 -2.38
N GLY A 18 -3.10 7.14 -3.40
CA GLY A 18 -3.11 5.75 -3.82
C GLY A 18 -1.74 5.34 -4.39
N LEU A 19 -1.42 5.93 -5.53
CA LEU A 19 -0.16 5.64 -6.19
C LEU A 19 0.98 5.73 -5.17
N ALA A 20 0.95 6.80 -4.40
CA ALA A 20 1.97 7.02 -3.38
C ALA A 20 2.02 5.80 -2.45
N ALA A 21 0.87 5.49 -1.87
CA ALA A 21 0.77 4.36 -0.97
C ALA A 21 1.35 3.11 -1.64
N ILE A 22 0.71 2.73 -2.73
CA ILE A 22 1.16 1.56 -3.47
C ILE A 22 2.68 1.60 -3.62
N GLY A 23 3.18 2.79 -3.92
CA GLY A 23 4.61 2.98 -4.09
C GLY A 23 5.39 2.40 -2.90
N ASP A 24 5.18 3.03 -1.75
CA ASP A 24 5.85 2.58 -0.54
C ASP A 24 5.49 1.12 -0.27
N ALA A 25 4.21 0.88 -0.10
CA ALA A 25 3.73 -0.47 0.17
C ALA A 25 4.49 -1.46 -0.72
N ILE A 26 4.89 -0.98 -1.88
CA ILE A 26 5.62 -1.80 -2.83
C ILE A 26 7.08 -1.89 -2.39
N GLY A 27 7.67 -0.74 -2.14
CA GLY A 27 9.06 -0.68 -1.71
C GLY A 27 9.42 -1.89 -0.84
N ILE A 28 8.53 -2.18 0.11
CA ILE A 28 8.74 -3.30 1.01
C ILE A 28 8.45 -4.61 0.26
N GLY A 29 7.30 -4.65 -0.38
CA GLY A 29 6.89 -5.82 -1.12
C GLY A 29 8.04 -6.35 -1.98
N ILE A 30 8.59 -5.46 -2.79
CA ILE A 30 9.69 -5.81 -3.66
C ILE A 30 10.92 -6.16 -2.81
N LEU A 31 11.00 -5.52 -1.66
CA LEU A 31 12.11 -5.76 -0.74
C LEU A 31 12.16 -7.24 -0.38
N GLY A 32 11.00 -7.75 0.01
CA GLY A 32 10.89 -9.16 0.38
C GLY A 32 11.46 -10.06 -0.72
N GLY A 33 11.25 -9.65 -1.95
CA GLY A 33 11.74 -10.41 -3.09
C GLY A 33 13.25 -10.28 -3.23
N LYS A 34 13.73 -9.07 -3.03
CA LYS A 34 15.16 -8.80 -3.13
C LYS A 34 15.87 -9.38 -1.91
N PHE A 35 15.07 -9.77 -0.92
CA PHE A 35 15.61 -10.34 0.29
C PHE A 35 15.55 -11.87 0.26
N LEU A 36 14.53 -12.37 -0.42
CA LEU A 36 14.36 -13.81 -0.53
C LEU A 36 15.68 -14.46 -0.92
N GLU A 37 16.39 -13.78 -1.82
CA GLU A 37 17.67 -14.27 -2.29
C GLU A 37 18.78 -13.89 -1.30
N GLY A 38 18.66 -12.68 -0.78
CA GLY A 38 19.64 -12.17 0.17
C GLY A 38 19.46 -12.83 1.54
N ALA A 39 18.48 -13.71 1.62
CA ALA A 39 18.19 -14.42 2.86
C ALA A 39 18.46 -15.91 2.67
N ALA A 40 18.14 -16.39 1.48
CA ALA A 40 18.34 -17.79 1.15
C ALA A 40 19.75 -18.20 1.57
N ARG A 41 20.63 -17.22 1.63
CA ARG A 41 22.00 -17.47 2.02
C ARG A 41 22.06 -18.24 3.35
N GLN A 42 21.11 -17.92 4.22
CA GLN A 42 21.03 -18.57 5.51
C GLN A 42 19.68 -19.27 5.68
N PRO A 43 19.73 -20.62 5.83
CA PRO A 43 18.53 -21.40 6.01
C PRO A 43 17.95 -21.23 7.41
N ASP A 44 18.65 -20.43 8.21
CA ASP A 44 18.23 -20.18 9.57
C ASP A 44 17.55 -18.81 9.65
N LEU A 45 17.29 -18.25 8.47
CA LEU A 45 16.64 -16.95 8.38
C LEU A 45 15.66 -16.95 7.21
N ILE A 46 15.34 -18.14 6.74
CA ILE A 46 14.43 -18.30 5.63
C ILE A 46 13.00 -18.10 6.12
N PRO A 47 12.64 -18.89 7.17
CA PRO A 47 11.31 -18.82 7.75
C PRO A 47 11.15 -17.56 8.60
N LEU A 48 12.21 -16.77 8.64
CA LEU A 48 12.21 -15.54 9.42
C LEU A 48 11.81 -14.38 8.52
N LEU A 49 12.66 -14.10 7.53
CA LEU A 49 12.41 -13.03 6.60
C LEU A 49 11.15 -13.35 5.79
N ARG A 50 10.99 -14.63 5.50
CA ARG A 50 9.84 -15.09 4.73
C ARG A 50 8.54 -14.74 5.47
N THR A 51 8.30 -15.46 6.55
CA THR A 51 7.11 -15.24 7.34
C THR A 51 6.79 -13.74 7.43
N GLN A 52 7.84 -12.96 7.64
CA GLN A 52 7.68 -11.51 7.73
C GLN A 52 7.08 -10.96 6.45
N PHE A 53 7.75 -11.24 5.34
CA PHE A 53 7.30 -10.77 4.05
C PHE A 53 5.80 -10.99 3.88
N PHE A 54 5.34 -12.15 4.35
CA PHE A 54 3.93 -12.49 4.26
C PHE A 54 3.07 -11.44 4.98
N ILE A 55 3.31 -11.30 6.27
CA ILE A 55 2.58 -10.34 7.06
C ILE A 55 2.72 -8.94 6.46
N VAL A 56 3.89 -8.71 5.87
CA VAL A 56 4.17 -7.44 5.25
C VAL A 56 3.31 -7.27 4.00
N MET A 57 3.03 -8.41 3.37
CA MET A 57 2.22 -8.41 2.16
C MET A 57 0.80 -7.89 2.44
N GLY A 58 0.20 -8.45 3.48
CA GLY A 58 -1.14 -8.05 3.88
C GLY A 58 -1.20 -6.55 4.19
N LEU A 59 -0.37 -6.15 5.14
CA LEU A 59 -0.33 -4.76 5.56
C LEU A 59 -0.03 -3.89 4.33
N VAL A 60 0.93 -4.33 3.54
CA VAL A 60 1.31 -3.60 2.35
C VAL A 60 0.08 -3.36 1.49
N ASN A 61 -0.79 -4.36 1.46
CA ASN A 61 -2.01 -4.27 0.68
C ASN A 61 -3.07 -3.50 1.48
N ALA A 62 -2.83 -3.41 2.78
CA ALA A 62 -3.75 -2.72 3.67
C ALA A 62 -3.39 -1.22 3.69
N ILE A 63 -2.29 -0.91 3.02
CA ILE A 63 -1.83 0.47 2.96
C ILE A 63 -2.73 1.26 2.03
N PRO A 64 -2.86 0.76 0.77
CA PRO A 64 -3.69 1.42 -0.21
C PRO A 64 -5.18 1.17 0.06
N MET A 65 -5.47 -0.05 0.48
CA MET A 65 -6.84 -0.43 0.78
C MET A 65 -7.43 0.47 1.88
N ILE A 66 -6.59 0.75 2.87
CA ILE A 66 -7.01 1.59 3.98
C ILE A 66 -6.93 3.06 3.56
N ALA A 67 -6.02 3.33 2.64
CA ALA A 67 -5.83 4.68 2.15
C ALA A 67 -7.05 5.10 1.31
N VAL A 68 -7.15 4.48 0.14
CA VAL A 68 -8.27 4.77 -0.74
C VAL A 68 -9.58 4.39 -0.07
N GLY A 69 -9.50 3.36 0.76
CA GLY A 69 -10.67 2.89 1.48
C GLY A 69 -11.35 4.02 2.24
N LEU A 70 -10.54 4.79 2.96
CA LEU A 70 -11.04 5.91 3.74
C LEU A 70 -11.50 7.01 2.77
N GLY A 71 -10.56 7.48 1.97
CA GLY A 71 -10.86 8.53 1.02
C GLY A 71 -12.22 8.32 0.37
N LEU A 72 -12.46 7.09 -0.04
CA LEU A 72 -13.72 6.73 -0.68
C LEU A 72 -14.85 6.83 0.35
N TYR A 73 -14.70 6.06 1.42
CA TYR A 73 -15.70 6.06 2.49
C TYR A 73 -16.20 7.47 2.76
N VAL A 74 -15.26 8.41 2.82
CA VAL A 74 -15.59 9.79 3.08
C VAL A 74 -16.48 10.32 1.96
N MET A 75 -15.92 10.36 0.77
CA MET A 75 -16.65 10.84 -0.39
C MET A 75 -18.09 10.31 -0.39
N PHE A 76 -18.20 9.01 -0.17
CA PHE A 76 -19.51 8.37 -0.14
C PHE A 76 -20.31 8.82 1.08
N ALA A 77 -19.60 9.04 2.17
CA ALA A 77 -20.23 9.47 3.41
C ALA A 77 -20.90 10.83 3.18
N VAL A 78 -20.07 11.84 2.97
CA VAL A 78 -20.57 13.18 2.75
C VAL A 78 -21.47 13.19 1.51
N ALA A 79 -21.11 12.34 0.56
CA ALA A 79 -21.88 12.23 -0.67
C ALA A 79 -21.67 13.50 -1.50
#